data_4IAO
#
_entry.id   4IAO
#
_cell.length_a   166.406
_cell.length_b   178.752
_cell.length_c   121.564
_cell.angle_alpha   90.00
_cell.angle_beta   90.00
_cell.angle_gamma   90.00
#
_symmetry.space_group_name_H-M   'C 2 2 21'
#
loop_
_entity.id
_entity.type
_entity.pdbx_description
1 polymer 'NAD-dependent histone deacetylase SIR2'
2 polymer 'Regulatory protein SIR4'
3 non-polymer 'ZINC ION'
4 non-polymer ADENOSINE-5-DIPHOSPHORIBOSE
5 water water
#
loop_
_entity_poly.entity_id
_entity_poly.type
_entity_poly.pdbx_seq_one_letter_code
_entity_poly.pdbx_strand_id
1 'polypeptide(L)'
;MGSSHHHHHHSQDPNSMDPLAVSAASVVSMSNDVLKPETPKGPIIISKNPSNGIFYGPSFTKRESLNARMFLKYYGAHKF
LDTYLPEDLNSLYIYYLIKLLGFEVKDQALIGTINSIVHINSQERVQDLGSAISVTNVEDPLAKKQTVRLIKDLQRAINK
VLCTRLRLSNFFTIDHFIQKLHTARKILVLTGAGVSTSLGIPDFRSSEGFYSKIKHLGLDDPQDVFNYNIFMHDPSVFYN
IANMVLPPEKIYSPLHSFIKMLQMKGKLLRNYTQNIDNLESYAGISTDKLVQCHGSFATATCVTCHWNLPGERIFNKIRN
LELPLCPYCYKKRREYFPEGYNNKVGVAASQGSMSERPPYILNSYGVLKPDITFFGEALPNKFHKSIREDILECDLLICI
GTSLKVAPVSEIVNMVPSHVPQVLINRDPVKHAEFDLSLLGYCDDIAAMVAQKCGWTIPHKKWNDLKNKNFKSQEKDKGV
YVVTSDEHPKTL
;
A,B
2 'polypeptide(L)'
;GSMNTIITHPGKMELVYVSDSDDSSSDNDSLTDLESLSSGESNEIKVTNDLDTSAEKDQIQAGKWFDPVLDWRKSDRELT
KNILWRIADKTTYDKETITDLIEQGIPKHSYLSGNPLTSVTNDICSVENYETSSAFFYQQVHKKDRLQYLPLYAVSTFE
;
C,D
#
loop_
_chem_comp.id
_chem_comp.type
_chem_comp.name
_chem_comp.formula
APR non-polymer ADENOSINE-5-DIPHOSPHORIBOSE 'C15 H23 N5 O14 P2'
ZN non-polymer 'ZINC ION' 'Zn 2'
#
# COMPACT_ATOMS: atom_id res chain seq x y z
N SER A 29 12.83 -4.21 56.08
CA SER A 29 11.48 -3.83 56.45
C SER A 29 10.45 -4.47 55.52
N MET A 30 10.44 -5.80 55.46
CA MET A 30 9.51 -6.50 54.58
C MET A 30 8.10 -6.65 55.17
N SER A 31 7.12 -6.09 54.45
CA SER A 31 5.72 -6.05 54.86
C SER A 31 4.98 -7.28 54.34
N ASN A 32 5.74 -8.23 53.78
CA ASN A 32 5.19 -9.40 53.10
C ASN A 32 4.83 -10.57 54.02
N ASP A 33 4.90 -10.35 55.33
CA ASP A 33 4.46 -11.32 56.33
C ASP A 33 3.08 -11.89 55.99
N VAL A 34 2.16 -11.03 55.55
CA VAL A 34 0.83 -11.47 55.15
C VAL A 34 0.90 -12.50 54.02
N LEU A 35 1.94 -12.41 53.20
CA LEU A 35 2.14 -13.33 52.08
C LEU A 35 3.11 -14.47 52.38
N LYS A 36 3.70 -14.48 53.57
CA LYS A 36 4.59 -15.57 53.98
C LYS A 36 3.80 -16.79 54.44
N PRO A 37 4.18 -17.99 53.95
CA PRO A 37 3.46 -19.21 54.32
C PRO A 37 4.03 -19.84 55.59
N GLU A 38 3.40 -20.92 56.04
CA GLU A 38 3.94 -21.72 57.13
C GLU A 38 4.54 -22.98 56.54
N THR A 39 5.83 -23.20 56.77
CA THR A 39 6.52 -24.36 56.23
C THR A 39 5.82 -25.63 56.70
N PRO A 40 5.30 -26.42 55.75
CA PRO A 40 4.48 -27.58 56.13
C PRO A 40 5.38 -28.70 56.60
N LYS A 41 4.79 -29.81 57.02
CA LYS A 41 5.56 -30.88 57.63
C LYS A 41 5.79 -32.02 56.64
N GLY A 42 7.05 -32.17 56.22
CA GLY A 42 7.45 -33.24 55.32
C GLY A 42 6.87 -33.13 53.93
N PRO A 43 7.17 -34.11 53.06
CA PRO A 43 6.63 -34.25 51.70
C PRO A 43 5.12 -34.45 51.71
N ILE A 44 4.51 -34.64 50.54
CA ILE A 44 3.04 -34.66 50.52
C ILE A 44 2.49 -35.91 51.20
N ILE A 45 1.17 -36.01 51.23
CA ILE A 45 0.50 -36.96 52.11
C ILE A 45 0.44 -38.38 51.51
N ILE A 46 1.04 -38.57 50.34
CA ILE A 46 1.14 -39.91 49.76
C ILE A 46 2.57 -40.43 49.70
N SER A 47 2.70 -41.76 49.79
CA SER A 47 3.95 -42.45 49.54
C SER A 47 3.72 -43.95 49.41
N SER A 51 -0.92 -50.84 45.66
CA SER A 51 -2.09 -49.96 45.75
C SER A 51 -2.06 -49.06 46.97
N ASN A 52 -2.15 -47.76 46.75
CA ASN A 52 -2.23 -46.79 47.84
C ASN A 52 -3.40 -45.83 47.67
N GLY A 53 -4.39 -45.94 48.55
CA GLY A 53 -5.51 -45.01 48.62
C GLY A 53 -6.22 -44.65 47.32
N ILE A 54 -6.67 -45.67 46.58
CA ILE A 54 -7.23 -45.46 45.24
C ILE A 54 -8.43 -44.50 45.14
N PHE A 55 -9.32 -44.53 46.12
CA PHE A 55 -10.52 -43.70 46.08
C PHE A 55 -10.40 -42.46 46.96
N TYR A 56 -10.24 -42.68 48.26
CA TYR A 56 -10.00 -41.59 49.21
C TYR A 56 -8.90 -40.67 48.69
N GLY A 57 -7.69 -41.20 48.64
CA GLY A 57 -6.54 -40.43 48.20
C GLY A 57 -6.10 -39.47 49.28
N PRO A 58 -4.87 -38.94 49.16
CA PRO A 58 -4.35 -37.94 50.10
C PRO A 58 -5.03 -36.60 49.87
N SER A 59 -6.24 -36.46 50.39
CA SER A 59 -7.10 -35.31 50.11
C SER A 59 -6.46 -34.01 50.59
N PHE A 60 -6.88 -32.89 49.98
CA PHE A 60 -6.29 -31.59 50.30
C PHE A 60 -7.33 -30.50 50.60
N THR A 61 -7.00 -29.64 51.55
CA THR A 61 -7.91 -28.61 52.01
C THR A 61 -7.45 -27.22 51.57
N LYS A 62 -8.42 -26.35 51.36
CA LYS A 62 -8.18 -25.01 50.82
C LYS A 62 -7.03 -24.29 51.51
N ARG A 63 -6.91 -24.46 52.83
CA ARG A 63 -5.82 -23.83 53.54
C ARG A 63 -4.47 -24.45 53.13
N GLU A 64 -4.47 -25.74 52.83
CA GLU A 64 -3.24 -26.40 52.42
C GLU A 64 -2.87 -25.99 51.01
N SER A 65 -3.88 -25.89 50.16
CA SER A 65 -3.68 -25.48 48.78
C SER A 65 -3.22 -24.03 48.69
N LEU A 66 -3.94 -23.14 49.35
CA LEU A 66 -3.58 -21.73 49.36
C LEU A 66 -2.19 -21.55 49.98
N ASN A 67 -1.88 -22.35 50.99
CA ASN A 67 -0.57 -22.25 51.63
C ASN A 67 0.52 -22.70 50.66
N ALA A 68 0.16 -23.64 49.79
CA ALA A 68 1.07 -24.14 48.78
C ALA A 68 1.37 -23.03 47.79
N ARG A 69 0.32 -22.42 47.24
CA ARG A 69 0.45 -21.30 46.32
C ARG A 69 1.34 -20.23 46.92
N MET A 70 1.12 -19.93 48.20
CA MET A 70 1.93 -18.96 48.90
C MET A 70 3.37 -19.43 49.00
N PHE A 71 3.55 -20.72 49.26
CA PHE A 71 4.88 -21.28 49.44
C PHE A 71 5.64 -21.15 48.13
N LEU A 72 4.93 -21.47 47.05
CA LEU A 72 5.48 -21.40 45.71
C LEU A 72 5.98 -20.00 45.43
N LYS A 73 5.09 -19.03 45.61
CA LYS A 73 5.42 -17.63 45.32
C LYS A 73 6.43 -17.04 46.31
N TYR A 74 6.50 -17.60 47.52
CA TYR A 74 7.44 -17.09 48.50
C TYR A 74 8.87 -17.58 48.31
N TYR A 75 9.02 -18.89 48.12
CA TYR A 75 10.34 -19.51 48.02
C TYR A 75 10.87 -19.86 46.61
N GLY A 76 10.05 -19.65 45.60
CA GLY A 76 10.42 -20.03 44.25
C GLY A 76 9.96 -21.43 43.91
N ALA A 77 10.07 -21.79 42.64
CA ALA A 77 9.58 -23.08 42.18
C ALA A 77 10.48 -24.21 42.66
N HIS A 78 11.79 -23.95 42.65
CA HIS A 78 12.78 -24.94 43.04
C HIS A 78 12.49 -25.47 44.44
N LYS A 79 12.57 -24.59 45.43
CA LYS A 79 12.29 -24.95 46.83
C LYS A 79 10.93 -25.63 46.97
N PHE A 80 9.93 -25.12 46.27
CA PHE A 80 8.60 -25.71 46.32
C PHE A 80 8.65 -27.16 45.89
N LEU A 81 9.40 -27.41 44.82
CA LEU A 81 9.53 -28.76 44.30
C LEU A 81 10.26 -29.66 45.29
N ASP A 82 11.38 -29.17 45.82
CA ASP A 82 12.22 -29.97 46.73
C ASP A 82 11.46 -30.41 47.98
N THR A 83 10.85 -29.46 48.66
CA THR A 83 10.21 -29.73 49.95
C THR A 83 8.92 -30.56 49.86
N TYR A 84 8.01 -30.14 48.99
CA TYR A 84 6.71 -30.79 48.90
C TYR A 84 6.75 -32.19 48.28
N LEU A 85 7.94 -32.62 47.85
CA LEU A 85 8.08 -33.95 47.25
C LEU A 85 9.03 -34.84 48.04
N PRO A 86 8.71 -36.16 48.10
CA PRO A 86 9.53 -37.15 48.79
C PRO A 86 10.95 -37.20 48.23
N GLU A 87 11.89 -37.66 49.04
CA GLU A 87 13.28 -37.78 48.61
C GLU A 87 13.45 -38.86 47.53
N ASP A 88 12.44 -39.73 47.43
CA ASP A 88 12.35 -40.69 46.35
C ASP A 88 10.88 -40.92 46.01
N LEU A 89 10.55 -41.07 44.73
CA LEU A 89 9.15 -41.03 44.34
C LEU A 89 8.75 -41.81 43.08
N ASN A 90 7.50 -41.61 42.68
CA ASN A 90 6.97 -42.14 41.42
C ASN A 90 6.24 -41.01 40.68
N SER A 91 5.61 -41.35 39.56
CA SER A 91 4.96 -40.37 38.70
C SER A 91 3.57 -39.94 39.19
N LEU A 92 3.12 -40.55 40.29
CA LEU A 92 1.78 -40.28 40.81
C LEU A 92 1.69 -39.01 41.65
N TYR A 93 2.84 -38.56 42.15
CA TYR A 93 2.92 -37.29 42.89
C TYR A 93 2.65 -36.12 41.94
N ILE A 94 3.04 -36.30 40.69
CA ILE A 94 2.86 -35.30 39.64
C ILE A 94 1.39 -34.89 39.51
N TYR A 95 0.48 -35.85 39.71
CA TYR A 95 -0.93 -35.54 39.64
C TYR A 95 -1.40 -34.83 40.89
N TYR A 96 -0.79 -35.17 42.02
CA TYR A 96 -1.23 -34.61 43.29
C TYR A 96 -0.69 -33.22 43.56
N LEU A 97 0.50 -32.93 43.06
CA LEU A 97 1.02 -31.57 43.11
C LEU A 97 0.06 -30.64 42.38
N ILE A 98 -0.67 -31.19 41.42
CA ILE A 98 -1.68 -30.43 40.70
C ILE A 98 -2.90 -30.21 41.59
N LYS A 99 -3.30 -31.25 42.32
CA LYS A 99 -4.43 -31.14 43.23
C LYS A 99 -4.06 -30.30 44.45
N LEU A 100 -2.79 -30.40 44.88
CA LEU A 100 -2.27 -29.63 46.00
C LEU A 100 -2.28 -28.12 45.75
N LEU A 101 -2.11 -27.73 44.49
CA LEU A 101 -2.10 -26.31 44.11
C LEU A 101 -3.50 -25.85 43.74
N GLY A 102 -4.48 -26.72 44.00
CA GLY A 102 -5.88 -26.38 43.82
C GLY A 102 -6.30 -26.40 42.37
N PHE A 103 -5.83 -27.41 41.64
CA PHE A 103 -6.25 -27.63 40.26
C PHE A 103 -6.83 -29.02 40.08
N GLU A 104 -7.81 -29.12 39.17
CA GLU A 104 -8.41 -30.41 38.84
C GLU A 104 -8.16 -30.75 37.36
N VAL A 105 -7.52 -31.90 37.12
CA VAL A 105 -7.17 -32.30 35.76
C VAL A 105 -8.40 -32.88 35.05
N LYS A 106 -8.78 -32.24 33.95
CA LYS A 106 -10.09 -32.46 33.33
C LYS A 106 -10.10 -33.56 32.28
N ASP A 107 -9.01 -34.30 32.14
CA ASP A 107 -8.88 -35.28 31.07
C ASP A 107 -9.50 -36.60 31.51
N GLN A 108 -10.61 -36.96 30.86
CA GLN A 108 -11.49 -38.02 31.34
C GLN A 108 -10.85 -39.40 31.41
N ALA A 109 -10.23 -39.81 30.30
CA ALA A 109 -9.55 -41.10 30.23
C ALA A 109 -8.46 -41.17 31.30
N LEU A 110 -7.86 -40.02 31.58
CA LEU A 110 -6.79 -39.96 32.57
C LEU A 110 -7.34 -40.10 33.98
N ILE A 111 -8.46 -39.45 34.27
CA ILE A 111 -9.08 -39.52 35.59
C ILE A 111 -9.35 -40.96 36.01
N GLY A 112 -10.22 -41.63 35.28
CA GLY A 112 -10.63 -42.99 35.58
C GLY A 112 -9.46 -43.94 35.76
N THR A 113 -8.39 -43.74 35.00
CA THR A 113 -7.19 -44.55 35.14
C THR A 113 -6.60 -44.36 36.53
N ILE A 114 -6.60 -43.11 36.99
CA ILE A 114 -6.02 -42.78 38.28
C ILE A 114 -6.92 -43.23 39.43
N ASN A 115 -8.23 -43.02 39.28
CA ASN A 115 -9.21 -43.42 40.28
C ASN A 115 -8.99 -44.86 40.72
N SER A 116 -8.87 -45.75 39.74
CA SER A 116 -8.79 -47.18 40.01
C SER A 116 -7.39 -47.67 40.41
N ILE A 117 -6.36 -47.22 39.70
CA ILE A 117 -5.05 -47.87 39.75
C ILE A 117 -4.39 -48.05 41.13
N VAL A 118 -3.97 -46.96 41.76
CA VAL A 118 -3.21 -47.06 43.01
C VAL A 118 -3.56 -45.95 43.99
N ASP A 140 7.17 -48.40 37.49
CA ASP A 140 6.31 -47.23 37.65
C ASP A 140 4.87 -47.52 37.23
N PRO A 141 3.90 -46.99 38.01
CA PRO A 141 2.47 -47.22 37.79
C PRO A 141 1.92 -46.63 36.50
N LEU A 142 2.33 -45.41 36.19
CA LEU A 142 1.77 -44.68 35.05
C LEU A 142 2.38 -45.05 33.70
N ALA A 143 1.61 -44.84 32.64
CA ALA A 143 2.11 -45.06 31.29
C ALA A 143 3.12 -43.97 30.94
N LYS A 144 3.70 -44.07 29.74
CA LYS A 144 4.66 -43.06 29.28
C LYS A 144 3.93 -41.82 28.77
N LYS A 145 2.88 -42.03 27.99
CA LYS A 145 2.07 -40.95 27.45
C LYS A 145 1.52 -40.05 28.55
N GLN A 146 0.67 -40.63 29.39
CA GLN A 146 0.03 -39.93 30.50
C GLN A 146 1.06 -39.20 31.38
N THR A 147 2.19 -39.83 31.66
CA THR A 147 3.25 -39.22 32.46
C THR A 147 3.73 -37.90 31.86
N VAL A 148 3.72 -37.81 30.53
CA VAL A 148 4.06 -36.56 29.86
C VAL A 148 2.89 -35.59 29.92
N ARG A 149 1.68 -36.12 29.69
CA ARG A 149 0.47 -35.31 29.75
C ARG A 149 0.37 -34.67 31.13
N LEU A 150 0.95 -35.32 32.12
CA LEU A 150 0.95 -34.83 33.49
C LEU A 150 1.96 -33.70 33.69
N ILE A 151 3.23 -33.99 33.47
CA ILE A 151 4.32 -33.03 33.63
C ILE A 151 4.03 -31.68 32.97
N LYS A 152 3.42 -31.73 31.78
CA LYS A 152 2.99 -30.53 31.09
C LYS A 152 2.02 -29.74 31.95
N ASP A 153 0.93 -30.40 32.33
CA ASP A 153 -0.13 -29.74 33.09
C ASP A 153 0.33 -29.21 34.44
N LEU A 154 1.37 -29.82 35.00
CA LEU A 154 1.95 -29.31 36.24
C LEU A 154 2.66 -28.00 35.98
N GLN A 155 3.43 -27.96 34.90
CA GLN A 155 4.13 -26.75 34.49
C GLN A 155 3.16 -25.61 34.21
N ARG A 156 2.03 -25.91 33.57
CA ARG A 156 1.01 -24.90 33.33
C ARG A 156 0.46 -24.39 34.67
N ALA A 157 0.18 -25.33 35.57
CA ALA A 157 -0.36 -25.00 36.87
C ALA A 157 0.61 -24.10 37.65
N ILE A 158 1.86 -24.53 37.76
CA ILE A 158 2.88 -23.73 38.43
C ILE A 158 2.99 -22.34 37.83
N ASN A 159 2.96 -22.26 36.50
CA ASN A 159 3.08 -20.98 35.81
C ASN A 159 1.86 -20.08 36.04
N LYS A 160 0.68 -20.69 36.13
CA LYS A 160 -0.55 -19.93 36.39
C LYS A 160 -0.53 -19.30 37.78
N VAL A 161 -0.04 -20.05 38.77
CA VAL A 161 0.09 -19.52 40.12
C VAL A 161 1.21 -18.47 40.23
N LEU A 162 2.39 -18.81 39.72
CA LEU A 162 3.51 -17.86 39.71
C LEU A 162 3.15 -16.54 39.02
N CYS A 163 2.27 -16.60 38.03
CA CYS A 163 1.83 -15.42 37.30
C CYS A 163 0.52 -14.80 37.80
N THR A 164 -0.03 -15.33 38.89
CA THR A 164 -1.28 -14.81 39.44
C THR A 164 -1.08 -14.14 40.80
N ARG A 165 -1.64 -12.94 40.93
CA ARG A 165 -1.58 -12.19 42.19
C ARG A 165 -2.38 -12.86 43.30
N LEU A 166 -1.84 -12.83 44.52
CA LEU A 166 -2.55 -13.30 45.70
C LEU A 166 -3.10 -12.12 46.50
N ARG A 167 -4.42 -12.03 46.63
CA ARG A 167 -5.05 -10.91 47.34
C ARG A 167 -4.63 -10.85 48.79
N LEU A 168 -4.42 -9.63 49.30
CA LEU A 168 -4.04 -9.42 50.70
C LEU A 168 -5.20 -9.72 51.66
N SER A 169 -4.96 -10.65 52.59
CA SER A 169 -6.00 -11.10 53.50
C SER A 169 -6.44 -9.99 54.46
N ASN A 170 -5.56 -9.04 54.71
CA ASN A 170 -5.88 -7.94 55.62
C ASN A 170 -6.42 -6.68 54.95
N PHE A 171 -6.46 -6.64 53.62
CA PHE A 171 -7.14 -5.54 52.94
C PHE A 171 -8.29 -6.12 52.11
N PHE A 172 -9.47 -6.21 52.71
CA PHE A 172 -10.71 -6.55 51.99
C PHE A 172 -11.87 -5.56 51.98
N THR A 173 -11.73 -4.39 52.61
CA THR A 173 -12.92 -3.61 52.92
C THR A 173 -12.80 -2.10 52.73
N ILE A 174 -13.95 -1.46 52.63
CA ILE A 174 -14.01 -0.02 52.41
C ILE A 174 -13.24 0.76 53.47
N ASP A 175 -13.35 0.35 54.71
CA ASP A 175 -12.65 1.05 55.78
C ASP A 175 -11.14 0.91 55.60
N HIS A 176 -10.69 -0.29 55.23
CA HIS A 176 -9.27 -0.54 54.95
C HIS A 176 -8.75 0.49 53.98
N PHE A 177 -9.45 0.59 52.85
CA PHE A 177 -9.13 1.57 51.80
C PHE A 177 -9.08 3.00 52.34
N ILE A 178 -10.04 3.34 53.20
CA ILE A 178 -10.08 4.67 53.77
C ILE A 178 -8.87 4.90 54.66
N GLN A 179 -8.61 3.96 55.57
CA GLN A 179 -7.49 4.10 56.51
C GLN A 179 -6.17 4.22 55.76
N LYS A 180 -6.06 3.47 54.66
CA LYS A 180 -4.85 3.45 53.85
C LYS A 180 -4.60 4.82 53.20
N LEU A 181 -5.67 5.47 52.76
CA LEU A 181 -5.57 6.78 52.14
C LEU A 181 -4.87 7.75 53.07
N HIS A 182 -5.14 7.63 54.36
CA HIS A 182 -4.58 8.54 55.36
C HIS A 182 -3.09 8.33 55.56
N THR A 183 -2.65 7.10 55.42
CA THR A 183 -1.26 6.74 55.70
C THR A 183 -0.36 6.77 54.47
N ALA A 184 -0.95 6.87 53.28
CA ALA A 184 -0.20 6.69 52.05
C ALA A 184 0.49 7.96 51.56
N ARG A 185 1.82 7.91 51.46
CA ARG A 185 2.56 9.03 50.90
C ARG A 185 2.85 8.93 49.40
N LYS A 186 2.71 7.74 48.82
CA LYS A 186 2.93 7.56 47.38
C LYS A 186 1.77 6.81 46.77
N ILE A 187 0.95 7.50 45.98
CA ILE A 187 -0.22 6.85 45.40
C ILE A 187 -0.17 6.89 43.88
N LEU A 188 -0.31 5.72 43.27
CA LEU A 188 -0.23 5.60 41.83
C LEU A 188 -1.64 5.37 41.27
N VAL A 189 -2.11 6.34 40.50
CA VAL A 189 -3.46 6.30 39.98
C VAL A 189 -3.46 6.10 38.47
N LEU A 190 -4.22 5.10 38.03
CA LEU A 190 -4.35 4.75 36.62
C LEU A 190 -5.78 5.04 36.18
N THR A 191 -5.98 6.03 35.32
CA THR A 191 -7.34 6.35 34.86
C THR A 191 -7.64 5.96 33.42
N GLY A 192 -8.84 5.47 33.19
CA GLY A 192 -9.29 5.12 31.85
C GLY A 192 -10.33 6.07 31.30
N ALA A 193 -11.07 5.61 30.30
CA ALA A 193 -12.07 6.42 29.61
C ALA A 193 -13.28 6.73 30.47
N GLY A 194 -13.56 5.88 31.45
CA GLY A 194 -14.74 6.01 32.30
C GLY A 194 -14.84 7.32 33.07
N VAL A 195 -13.70 7.84 33.50
CA VAL A 195 -13.66 9.02 34.35
C VAL A 195 -14.19 10.24 33.61
N SER A 196 -14.24 10.14 32.29
CA SER A 196 -14.78 11.22 31.46
C SER A 196 -16.21 11.07 30.93
N THR A 197 -16.88 9.93 31.19
CA THR A 197 -18.21 9.73 30.60
C THR A 197 -19.23 10.69 31.17
N SER A 198 -19.05 11.05 32.44
CA SER A 198 -19.93 11.99 33.12
C SER A 198 -19.92 13.37 32.47
N LEU A 199 -18.94 13.60 31.59
CA LEU A 199 -18.86 14.87 30.88
C LEU A 199 -19.45 14.79 29.47
N GLY A 200 -20.01 13.63 29.12
CA GLY A 200 -20.65 13.43 27.84
C GLY A 200 -19.82 12.65 26.85
N ILE A 201 -18.50 12.64 27.06
CA ILE A 201 -17.59 11.83 26.26
C ILE A 201 -17.81 10.34 26.52
N PRO A 202 -18.25 9.60 25.51
CA PRO A 202 -18.49 8.16 25.74
C PRO A 202 -17.17 7.42 25.91
N ASP A 203 -17.18 6.28 26.58
CA ASP A 203 -15.95 5.48 26.68
C ASP A 203 -15.77 4.66 25.41
N PHE A 204 -14.71 3.85 25.34
CA PHE A 204 -14.48 3.05 24.14
C PHE A 204 -15.30 1.77 24.07
N ARG A 205 -15.30 1.01 25.16
CA ARG A 205 -15.87 -0.34 25.12
C ARG A 205 -17.25 -0.60 25.71
N SER A 206 -17.91 0.42 26.24
CA SER A 206 -19.27 0.22 26.74
C SER A 206 -20.24 0.07 25.59
N SER A 207 -21.41 -0.49 25.88
CA SER A 207 -22.44 -0.64 24.85
C SER A 207 -22.80 0.72 24.25
N GLU A 208 -22.60 1.77 25.03
CA GLU A 208 -22.83 3.13 24.57
C GLU A 208 -21.58 3.72 23.94
N GLY A 209 -20.54 2.90 23.82
CA GLY A 209 -19.21 3.35 23.49
C GLY A 209 -18.80 3.65 22.05
N PHE A 210 -17.59 4.19 21.92
CA PHE A 210 -17.03 4.60 20.65
C PHE A 210 -16.99 3.47 19.62
N TYR A 211 -16.41 2.34 20.00
CA TYR A 211 -16.31 1.21 19.09
C TYR A 211 -17.66 0.73 18.56
N SER A 212 -18.70 0.87 19.38
CA SER A 212 -20.04 0.49 18.94
C SER A 212 -20.60 1.48 17.92
N LYS A 213 -20.41 2.77 18.17
CA LYS A 213 -20.90 3.80 17.26
C LYS A 213 -20.37 3.65 15.85
N ILE A 214 -19.08 3.29 15.74
CA ILE A 214 -18.48 3.16 14.41
C ILE A 214 -18.67 1.76 13.83
N LYS A 215 -19.01 0.80 14.68
CA LYS A 215 -19.30 -0.57 14.24
C LYS A 215 -20.56 -0.53 13.39
N HIS A 216 -21.32 0.54 13.56
CA HIS A 216 -22.55 0.73 12.83
C HIS A 216 -22.33 1.57 11.56
N LEU A 217 -21.08 1.92 11.28
CA LEU A 217 -20.73 2.43 9.96
C LEU A 217 -20.08 1.31 9.14
N GLY A 218 -19.87 0.19 9.81
CA GLY A 218 -19.32 -1.04 9.25
C GLY A 218 -17.81 -1.09 9.34
N LEU A 219 -17.31 -2.26 9.76
CA LEU A 219 -15.90 -2.64 9.79
C LEU A 219 -15.88 -3.98 10.53
N ASP A 220 -14.85 -4.80 10.32
CA ASP A 220 -14.84 -6.10 11.00
C ASP A 220 -14.39 -5.91 12.43
N ASP A 221 -13.30 -5.17 12.58
CA ASP A 221 -12.77 -4.84 13.88
C ASP A 221 -12.68 -3.33 13.97
N PRO A 222 -13.68 -2.70 14.61
CA PRO A 222 -13.71 -1.25 14.78
C PRO A 222 -12.43 -0.69 15.41
N GLN A 223 -11.64 -1.54 16.09
CA GLN A 223 -10.39 -1.08 16.68
C GLN A 223 -9.33 -0.80 15.62
N ASP A 224 -9.51 -1.38 14.43
CA ASP A 224 -8.61 -1.11 13.30
C ASP A 224 -8.55 0.37 12.94
N VAL A 225 -9.55 1.12 13.38
CA VAL A 225 -9.63 2.54 13.11
C VAL A 225 -8.43 3.27 13.73
N PHE A 226 -7.96 2.75 14.86
CA PHE A 226 -6.79 3.27 15.56
C PHE A 226 -5.52 2.47 15.26
N ASN A 227 -5.61 1.54 14.32
CA ASN A 227 -4.45 0.74 13.93
C ASN A 227 -3.40 1.50 13.11
N TYR A 228 -2.13 1.36 13.50
CA TYR A 228 -1.02 2.11 12.92
C TYR A 228 -0.72 1.66 11.51
N ASN A 229 -0.74 0.34 11.31
CA ASN A 229 -0.43 -0.24 10.00
C ASN A 229 -1.44 0.21 8.99
N ILE A 230 -2.69 0.23 9.42
CA ILE A 230 -3.77 0.65 8.54
C ILE A 230 -3.64 2.14 8.23
N PHE A 231 -3.22 2.93 9.21
CA PHE A 231 -3.12 4.36 8.99
C PHE A 231 -2.11 4.63 7.89
N MET A 232 -1.06 3.81 7.86
CA MET A 232 -0.01 4.02 6.88
C MET A 232 -0.50 3.66 5.49
N HIS A 233 -1.29 2.61 5.40
CA HIS A 233 -1.87 2.18 4.15
C HIS A 233 -3.08 3.04 3.73
N ASP A 234 -3.93 3.36 4.70
CA ASP A 234 -5.17 4.11 4.44
C ASP A 234 -5.51 5.11 5.56
N PRO A 235 -4.92 6.31 5.52
CA PRO A 235 -5.19 7.30 6.58
C PRO A 235 -6.65 7.77 6.60
N SER A 236 -7.38 7.49 5.54
CA SER A 236 -8.78 7.92 5.46
C SER A 236 -9.65 7.26 6.51
N VAL A 237 -9.38 6.00 6.80
CA VAL A 237 -10.13 5.28 7.84
C VAL A 237 -10.16 6.06 9.16
N PHE A 238 -9.00 6.42 9.69
CA PHE A 238 -8.95 7.18 10.93
C PHE A 238 -9.60 8.56 10.79
N TYR A 239 -9.31 9.28 9.71
CA TYR A 239 -9.78 10.66 9.62
C TYR A 239 -11.30 10.77 9.44
N ASN A 240 -11.93 9.68 9.02
CA ASN A 240 -13.38 9.62 8.92
C ASN A 240 -14.04 9.77 10.28
N ILE A 241 -13.48 9.08 11.28
CA ILE A 241 -14.01 9.16 12.63
C ILE A 241 -13.28 10.16 13.53
N ALA A 242 -12.22 10.78 13.03
CA ALA A 242 -11.31 11.55 13.89
C ALA A 242 -11.99 12.65 14.67
N ASN A 243 -13.00 13.28 14.07
CA ASN A 243 -13.75 14.35 14.72
C ASN A 243 -14.38 13.90 16.03
N MET A 244 -14.79 12.62 16.07
CA MET A 244 -15.39 12.06 17.27
C MET A 244 -14.45 12.03 18.47
N VAL A 245 -13.16 11.94 18.21
CA VAL A 245 -12.20 11.87 19.31
C VAL A 245 -11.55 13.19 19.68
N LEU A 246 -11.92 14.27 18.99
CA LEU A 246 -11.41 15.58 19.35
C LEU A 246 -11.85 15.95 20.76
N PRO A 247 -10.91 16.42 21.56
CA PRO A 247 -11.16 16.76 22.96
C PRO A 247 -12.04 18.00 23.12
N PRO A 248 -12.91 18.00 24.14
CA PRO A 248 -13.69 19.19 24.48
C PRO A 248 -12.81 20.16 25.26
N GLU A 249 -13.36 21.30 25.66
CA GLU A 249 -12.56 22.35 26.26
C GLU A 249 -12.81 22.56 27.75
N LYS A 250 -11.72 22.78 28.50
CA LYS A 250 -11.75 23.32 29.86
C LYS A 250 -12.83 22.76 30.79
N ILE A 251 -12.95 21.44 30.84
CA ILE A 251 -13.90 20.80 31.75
C ILE A 251 -13.28 19.60 32.46
N TYR A 252 -13.78 19.28 33.64
CA TYR A 252 -13.36 18.08 34.33
C TYR A 252 -14.42 17.57 35.30
N SER A 253 -14.40 16.26 35.56
CA SER A 253 -15.32 15.63 36.51
C SER A 253 -14.86 15.79 37.96
N PRO A 254 -15.75 15.48 38.93
CA PRO A 254 -15.31 15.40 40.32
C PRO A 254 -14.08 14.49 40.49
N LEU A 255 -14.07 13.33 39.83
CA LEU A 255 -12.98 12.37 39.97
C LEU A 255 -11.62 12.95 39.62
N HIS A 256 -11.58 13.82 38.62
CA HIS A 256 -10.35 14.51 38.27
C HIS A 256 -9.89 15.33 39.46
N SER A 257 -10.85 15.97 40.13
CA SER A 257 -10.53 16.85 41.26
C SER A 257 -10.08 16.04 42.47
N PHE A 258 -10.52 14.78 42.53
CA PHE A 258 -10.09 13.88 43.60
C PHE A 258 -8.59 13.64 43.50
N ILE A 259 -8.13 13.44 42.27
CA ILE A 259 -6.71 13.22 41.98
C ILE A 259 -5.95 14.50 42.22
N LYS A 260 -6.62 15.62 41.90
CA LYS A 260 -6.12 16.96 42.20
C LYS A 260 -5.91 17.12 43.69
N MET A 261 -6.91 16.69 44.45
CA MET A 261 -6.89 16.77 45.91
C MET A 261 -5.73 15.98 46.49
N LEU A 262 -5.55 14.75 46.03
CA LEU A 262 -4.43 13.91 46.47
C LEU A 262 -3.09 14.60 46.21
N GLN A 263 -3.00 15.31 45.08
CA GLN A 263 -1.77 16.01 44.75
C GLN A 263 -1.51 17.14 45.73
N MET A 264 -2.57 17.83 46.14
CA MET A 264 -2.44 18.95 47.07
C MET A 264 -1.99 18.48 48.43
N LYS A 265 -2.48 17.30 48.83
CA LYS A 265 -2.11 16.71 50.11
C LYS A 265 -0.73 16.07 50.06
N GLY A 266 -0.12 16.05 48.88
CA GLY A 266 1.22 15.54 48.71
C GLY A 266 1.25 14.02 48.64
N LYS A 267 0.08 13.42 48.49
CA LYS A 267 -0.05 11.96 48.50
C LYS A 267 0.05 11.31 47.13
N LEU A 268 0.10 12.12 46.07
CA LEU A 268 0.03 11.59 44.72
C LEU A 268 1.41 11.36 44.12
N LEU A 269 1.76 10.10 43.89
CA LEU A 269 3.02 9.77 43.26
C LEU A 269 3.01 10.14 41.77
N ARG A 270 2.04 9.58 41.05
CA ARG A 270 1.85 9.87 39.64
C ARG A 270 0.42 9.56 39.20
N ASN A 271 -0.09 10.30 38.22
CA ASN A 271 -1.31 9.87 37.55
C ASN A 271 -1.04 9.45 36.11
N TYR A 272 -1.18 8.16 35.84
CA TYR A 272 -1.09 7.60 34.49
C TYR A 272 -2.46 7.54 33.84
N THR A 273 -2.63 8.26 32.75
CA THR A 273 -3.90 8.23 32.04
C THR A 273 -3.79 7.59 30.66
N GLN A 274 -4.82 6.88 30.25
CA GLN A 274 -4.92 6.40 28.88
C GLN A 274 -5.74 7.36 28.05
N ASN A 275 -6.13 8.47 28.67
CA ASN A 275 -7.02 9.44 28.04
C ASN A 275 -6.27 10.50 27.28
N ILE A 276 -6.76 10.81 26.09
CA ILE A 276 -6.14 11.81 25.22
C ILE A 276 -6.84 13.16 25.30
N ASP A 277 -7.92 13.25 26.07
CA ASP A 277 -8.70 14.48 26.17
C ASP A 277 -8.01 15.63 26.91
N ASN A 278 -6.94 15.32 27.65
CA ASN A 278 -6.15 16.34 28.35
C ASN A 278 -6.93 17.10 29.43
N LEU A 279 -7.96 16.46 29.98
CA LEU A 279 -8.77 17.09 31.02
C LEU A 279 -7.99 17.18 32.34
N GLU A 280 -7.10 16.21 32.55
CA GLU A 280 -6.25 16.18 33.73
C GLU A 280 -5.56 17.53 33.99
N SER A 281 -4.97 18.11 32.95
CA SER A 281 -4.20 19.34 33.13
C SER A 281 -5.11 20.50 33.57
N TYR A 282 -6.38 20.45 33.17
CA TYR A 282 -7.33 21.50 33.49
C TYR A 282 -7.78 21.44 34.95
N ALA A 283 -7.88 20.22 35.47
CA ALA A 283 -8.28 20.05 36.87
C ALA A 283 -7.15 20.46 37.83
N GLY A 284 -5.97 20.75 37.27
CA GLY A 284 -4.86 21.23 38.07
C GLY A 284 -3.68 20.31 38.24
N ILE A 285 -3.79 19.07 37.79
CA ILE A 285 -2.69 18.11 37.87
C ILE A 285 -1.46 18.68 37.19
N SER A 286 -0.32 18.62 37.86
CA SER A 286 0.92 19.18 37.32
C SER A 286 1.62 18.29 36.30
N THR A 287 2.43 18.90 35.44
CA THR A 287 3.16 18.19 34.38
C THR A 287 4.06 17.07 34.90
N ASP A 288 4.63 17.25 36.08
CA ASP A 288 5.49 16.23 36.66
C ASP A 288 4.67 15.07 37.25
N LYS A 289 3.44 15.35 37.68
CA LYS A 289 2.57 14.32 38.22
C LYS A 289 1.78 13.57 37.14
N LEU A 290 1.74 14.11 35.94
CA LEU A 290 0.91 13.54 34.88
C LEU A 290 1.69 12.85 33.76
N VAL A 291 1.20 11.68 33.36
CA VAL A 291 1.70 10.97 32.20
C VAL A 291 0.55 10.56 31.28
N GLN A 292 0.60 11.02 30.04
CA GLN A 292 -0.41 10.57 29.09
C GLN A 292 0.24 9.47 28.28
N CYS A 293 -0.15 8.24 28.60
CA CYS A 293 0.56 7.05 28.14
C CYS A 293 0.19 6.79 26.70
N HIS A 294 -1.00 7.24 26.33
CA HIS A 294 -1.50 7.05 24.98
C HIS A 294 -1.35 8.24 24.02
N GLY A 295 -0.59 9.23 24.44
CA GLY A 295 -0.35 10.39 23.59
C GLY A 295 -1.41 11.45 23.80
N SER A 296 -1.34 12.50 23.01
CA SER A 296 -2.28 13.60 23.12
C SER A 296 -2.35 14.35 21.81
N PHE A 297 -3.38 15.20 21.67
CA PHE A 297 -3.57 15.95 20.44
C PHE A 297 -2.75 17.22 20.45
N ALA A 298 -1.96 17.42 21.50
CA ALA A 298 -1.15 18.62 21.65
C ALA A 298 -0.36 18.95 20.39
N THR A 299 0.23 17.93 19.78
CA THR A 299 0.98 18.13 18.55
C THR A 299 0.65 17.06 17.54
N ALA A 300 1.00 17.33 16.28
CA ALA A 300 0.88 16.34 15.22
C ALA A 300 2.20 16.23 14.46
N THR A 301 2.36 15.15 13.70
CA THR A 301 3.63 14.89 13.01
C THR A 301 3.44 14.30 11.60
N CYS A 302 4.16 14.84 10.62
CA CYS A 302 4.18 14.24 9.30
C CYS A 302 4.82 12.85 9.35
N VAL A 303 4.17 11.84 8.78
CA VAL A 303 4.65 10.46 8.89
C VAL A 303 5.73 10.15 7.88
N THR A 304 6.01 11.09 6.99
CA THR A 304 7.12 10.93 6.02
C THR A 304 8.36 11.72 6.43
N CYS A 305 8.19 13.04 6.56
CA CYS A 305 9.30 13.93 6.86
C CYS A 305 9.54 14.20 8.35
N HIS A 306 8.63 13.72 9.20
CA HIS A 306 8.77 13.82 10.66
C HIS A 306 8.79 15.24 11.23
N TRP A 307 8.14 16.16 10.53
CA TRP A 307 7.98 17.52 11.02
C TRP A 307 6.98 17.54 12.16
N ASN A 308 7.11 18.49 13.07
CA ASN A 308 6.21 18.54 14.23
C ASN A 308 5.59 19.92 14.40
N LEU A 309 4.28 19.95 14.62
CA LEU A 309 3.56 21.21 14.62
C LEU A 309 2.46 21.18 15.68
N PRO A 310 1.98 22.36 16.11
CA PRO A 310 0.92 22.47 17.12
C PRO A 310 -0.35 21.79 16.68
N GLY A 311 -0.88 20.89 17.52
CA GLY A 311 -2.01 20.06 17.15
C GLY A 311 -3.22 20.82 16.64
N GLU A 312 -3.49 21.97 17.26
CA GLU A 312 -4.62 22.81 16.90
C GLU A 312 -4.62 23.16 15.41
N ARG A 313 -3.43 23.23 14.82
CA ARG A 313 -3.31 23.56 13.40
C ARG A 313 -4.04 22.60 12.43
N ILE A 314 -4.24 21.33 12.85
CA ILE A 314 -5.02 20.39 12.04
C ILE A 314 -6.48 20.14 12.48
N PHE A 315 -6.91 20.84 13.53
CA PHE A 315 -8.24 20.62 14.09
C PHE A 315 -9.39 20.97 13.13
N ASN A 316 -9.27 22.08 12.41
CA ASN A 316 -10.28 22.43 11.43
C ASN A 316 -10.39 21.37 10.33
N LYS A 317 -9.24 21.05 9.74
CA LYS A 317 -9.13 20.01 8.73
C LYS A 317 -9.83 18.72 9.17
N ILE A 318 -9.69 18.39 10.45
CA ILE A 318 -10.29 17.18 10.99
C ILE A 318 -11.80 17.33 11.15
N ARG A 319 -12.23 18.53 11.54
CA ARG A 319 -13.65 18.81 11.67
C ARG A 319 -14.35 18.69 10.32
N ASN A 320 -13.62 19.00 9.26
CA ASN A 320 -14.17 18.97 7.91
C ASN A 320 -13.92 17.65 7.18
N LEU A 321 -13.34 16.68 7.87
CA LEU A 321 -12.98 15.41 7.25
C LEU A 321 -12.11 15.58 5.99
N GLU A 322 -11.10 16.42 6.12
CA GLU A 322 -10.10 16.58 5.08
C GLU A 322 -8.76 16.00 5.57
N LEU A 323 -7.98 15.45 4.65
CA LEU A 323 -6.66 14.97 5.01
C LEU A 323 -5.78 16.15 5.38
N PRO A 324 -5.28 16.18 6.63
CA PRO A 324 -4.27 17.20 6.96
C PRO A 324 -2.97 16.89 6.23
N LEU A 325 -2.43 17.88 5.51
CA LEU A 325 -1.27 17.61 4.67
C LEU A 325 -0.07 18.44 5.09
N CYS A 326 1.09 17.81 5.13
CA CYS A 326 2.32 18.53 5.42
C CYS A 326 2.67 19.43 4.25
N PRO A 327 2.91 20.72 4.54
CA PRO A 327 3.26 21.75 3.55
C PRO A 327 4.53 21.38 2.77
N TYR A 328 5.47 20.76 3.47
CA TYR A 328 6.79 20.49 2.88
C TYR A 328 6.82 19.25 1.98
N CYS A 329 5.95 18.27 2.26
CA CYS A 329 5.83 17.10 1.39
C CYS A 329 4.82 17.30 0.25
N TYR A 330 4.00 18.34 0.34
CA TYR A 330 2.93 18.57 -0.62
C TYR A 330 3.41 18.61 -2.07
N LYS A 331 4.67 18.99 -2.25
CA LYS A 331 5.30 18.94 -3.56
C LYS A 331 5.26 17.54 -4.19
N LYS A 332 5.99 16.60 -3.60
CA LYS A 332 6.08 15.26 -4.16
C LYS A 332 4.74 14.53 -4.10
N ARG A 333 3.94 14.84 -3.09
CA ARG A 333 2.65 14.19 -2.94
C ARG A 333 1.77 14.44 -4.16
N ARG A 334 1.82 15.67 -4.66
CA ARG A 334 0.99 16.04 -5.80
C ARG A 334 1.37 15.29 -7.07
N GLU A 335 2.62 14.83 -7.15
CA GLU A 335 3.04 14.03 -8.29
C GLU A 335 2.47 12.62 -8.22
N TYR A 336 2.43 12.06 -7.02
CA TYR A 336 1.93 10.72 -6.81
C TYR A 336 0.41 10.70 -6.79
N PHE A 337 -0.17 11.79 -6.30
CA PHE A 337 -1.63 11.94 -6.23
C PHE A 337 -2.06 13.23 -6.92
N PRO A 338 -1.96 13.27 -8.25
CA PRO A 338 -2.24 14.49 -9.00
C PRO A 338 -3.69 14.94 -8.87
N GLU A 339 -4.61 13.97 -8.87
CA GLU A 339 -6.04 14.22 -8.94
C GLU A 339 -6.65 14.79 -7.65
N GLY A 340 -5.88 14.81 -6.56
CA GLY A 340 -6.46 15.16 -5.28
C GLY A 340 -7.40 14.12 -4.68
N TYR A 341 -6.86 12.93 -4.41
CA TYR A 341 -7.61 11.84 -3.78
C TYR A 341 -7.71 12.07 -2.27
N ASN A 342 -7.18 13.19 -1.78
CA ASN A 342 -7.19 13.41 -0.34
C ASN A 342 -8.51 14.06 0.09
N ASN A 343 -9.33 13.21 0.72
CA ASN A 343 -10.74 13.47 1.05
C ASN A 343 -11.36 12.18 1.60
N LYS A 344 -12.62 12.24 2.01
CA LYS A 344 -13.26 11.08 2.62
C LYS A 344 -14.49 10.61 1.84
N SER A 353 -7.95 7.58 -9.36
CA SER A 353 -6.99 7.01 -10.31
C SER A 353 -5.59 6.99 -9.72
N MET A 354 -5.16 5.82 -9.24
CA MET A 354 -3.90 5.70 -8.51
C MET A 354 -2.70 5.39 -9.41
N SER A 355 -2.90 5.43 -10.72
CA SER A 355 -1.88 5.00 -11.69
C SER A 355 -0.51 5.67 -11.50
N GLU A 356 -0.50 6.87 -10.93
CA GLU A 356 0.75 7.62 -10.79
C GLU A 356 1.43 7.37 -9.45
N ARG A 357 0.85 6.48 -8.64
CA ARG A 357 1.38 6.20 -7.32
C ARG A 357 2.18 4.91 -7.39
N PRO A 358 3.52 5.04 -7.37
CA PRO A 358 4.47 3.94 -7.44
C PRO A 358 4.36 3.01 -6.23
N PRO A 359 4.80 1.76 -6.38
CA PRO A 359 4.72 0.72 -5.36
C PRO A 359 5.38 1.10 -4.04
N TYR A 360 6.33 2.03 -4.08
CA TYR A 360 7.03 2.43 -2.87
C TYR A 360 6.37 3.61 -2.19
N ILE A 361 5.24 4.07 -2.73
CA ILE A 361 4.51 5.20 -2.14
C ILE A 361 3.11 4.80 -1.65
N LEU A 362 2.83 5.03 -0.38
CA LEU A 362 1.52 4.68 0.16
C LEU A 362 0.65 5.92 0.26
N ASN A 363 -0.61 5.72 0.62
CA ASN A 363 -1.56 6.83 0.67
C ASN A 363 -1.26 7.82 1.78
N SER A 364 -0.45 7.39 2.74
CA SER A 364 -0.13 8.21 3.90
C SER A 364 1.05 9.13 3.64
N TYR A 365 1.61 9.05 2.43
CA TYR A 365 2.74 9.89 2.06
C TYR A 365 2.35 11.33 2.29
N GLY A 366 3.18 12.06 3.04
CA GLY A 366 2.99 13.48 3.25
C GLY A 366 1.77 13.85 4.07
N VAL A 367 1.30 12.92 4.90
CA VAL A 367 0.13 13.13 5.75
C VAL A 367 0.50 13.36 7.22
N LEU A 368 -0.08 14.39 7.83
CA LEU A 368 0.10 14.60 9.26
C LEU A 368 -0.70 13.57 10.07
N LYS A 369 -0.21 13.25 11.25
CA LYS A 369 -0.92 12.36 12.16
C LYS A 369 -0.81 12.92 13.58
N PRO A 370 -1.91 12.92 14.34
CA PRO A 370 -1.86 13.38 15.73
C PRO A 370 -1.00 12.47 16.61
N ASP A 371 -0.38 13.06 17.63
CA ASP A 371 0.66 12.37 18.40
C ASP A 371 0.10 11.40 19.45
N ILE A 372 -1.20 11.19 19.40
CA ILE A 372 -1.83 10.11 20.14
C ILE A 372 -1.32 8.74 19.67
N THR A 373 -1.37 7.74 20.53
CA THR A 373 -0.73 6.46 20.26
C THR A 373 -1.69 5.48 19.63
N PHE A 374 -1.39 5.10 18.39
CA PHE A 374 -2.12 4.07 17.65
C PHE A 374 -1.68 2.69 18.09
N PHE A 375 -2.51 1.68 17.83
CA PHE A 375 -2.13 0.28 18.07
C PHE A 375 -0.98 -0.10 17.16
N GLY A 376 0.07 -0.66 17.74
CA GLY A 376 1.23 -1.07 16.97
C GLY A 376 2.27 0.02 16.94
N GLU A 377 1.95 1.17 17.52
CA GLU A 377 2.89 2.28 17.57
C GLU A 377 3.58 2.26 18.94
N ALA A 378 4.59 3.10 19.11
CA ALA A 378 5.30 3.12 20.39
C ALA A 378 4.72 4.18 21.30
N LEU A 379 4.59 3.86 22.58
CA LEU A 379 4.11 4.83 23.57
C LEU A 379 5.16 5.92 23.75
N PRO A 380 4.74 7.09 24.27
CA PRO A 380 5.68 8.19 24.52
C PRO A 380 6.82 7.73 25.42
N ASN A 381 8.05 8.15 25.14
CA ASN A 381 9.18 7.82 26.00
C ASN A 381 8.93 8.09 27.48
N LYS A 382 8.24 9.19 27.77
CA LYS A 382 7.95 9.59 29.14
C LYS A 382 7.31 8.47 29.94
N PHE A 383 6.48 7.67 29.28
CA PHE A 383 5.87 6.51 29.91
C PHE A 383 6.96 5.57 30.44
N HIS A 384 7.85 5.13 29.56
CA HIS A 384 8.91 4.19 29.94
C HIS A 384 9.85 4.75 31.00
N LYS A 385 10.23 6.01 30.88
CA LYS A 385 11.06 6.65 31.88
C LYS A 385 10.38 6.66 33.26
N SER A 386 9.07 6.92 33.26
CA SER A 386 8.33 7.07 34.50
C SER A 386 8.06 5.76 35.22
N ILE A 387 7.64 4.74 34.49
CA ILE A 387 7.34 3.44 35.09
C ILE A 387 8.57 2.87 35.80
N ARG A 388 9.74 3.12 35.24
CA ARG A 388 10.98 2.56 35.75
C ARG A 388 11.35 3.14 37.13
N GLU A 389 10.98 4.39 37.36
CA GLU A 389 11.24 5.05 38.64
C GLU A 389 10.04 5.03 39.60
N ASP A 390 8.91 4.52 39.12
CA ASP A 390 7.64 4.61 39.85
C ASP A 390 7.17 3.32 40.52
N ILE A 391 7.03 2.27 39.73
CA ILE A 391 6.45 1.00 40.18
C ILE A 391 6.97 0.51 41.54
N LEU A 392 8.29 0.48 41.72
CA LEU A 392 8.88 -0.02 42.96
C LEU A 392 8.61 0.89 44.15
N GLU A 393 8.63 2.19 43.89
CA GLU A 393 8.56 3.20 44.93
C GLU A 393 7.12 3.52 45.40
N CYS A 394 6.13 2.80 44.88
CA CYS A 394 4.73 3.14 45.14
C CYS A 394 4.09 2.29 46.25
N ASP A 395 3.38 2.93 47.18
CA ASP A 395 2.71 2.18 48.25
C ASP A 395 1.22 1.91 48.08
N LEU A 396 0.61 2.44 47.03
CA LEU A 396 -0.81 2.18 46.76
C LEU A 396 -1.14 2.29 45.26
N LEU A 397 -2.08 1.47 44.81
CA LEU A 397 -2.50 1.50 43.41
C LEU A 397 -4.02 1.57 43.29
N ILE A 398 -4.51 2.61 42.62
CA ILE A 398 -5.95 2.72 42.36
C ILE A 398 -6.21 2.74 40.86
N CYS A 399 -7.12 1.88 40.41
CA CYS A 399 -7.53 1.90 39.01
C CYS A 399 -8.94 2.41 38.86
N ILE A 400 -9.09 3.42 38.01
CA ILE A 400 -10.38 4.08 37.82
C ILE A 400 -10.83 4.16 36.36
N GLY A 401 -11.95 3.50 36.07
CA GLY A 401 -12.66 3.71 34.82
C GLY A 401 -11.95 3.16 33.61
N THR A 402 -11.35 1.99 33.77
CA THR A 402 -10.67 1.33 32.67
C THR A 402 -10.93 -0.18 32.70
N SER A 403 -11.12 -0.77 31.53
CA SER A 403 -11.35 -2.20 31.42
C SER A 403 -10.05 -2.97 31.58
N LEU A 404 -8.94 -2.21 31.55
CA LEU A 404 -7.60 -2.77 31.65
C LEU A 404 -7.25 -3.79 30.55
N LYS A 405 -7.70 -3.57 29.31
CA LYS A 405 -7.43 -4.53 28.23
C LYS A 405 -6.21 -4.24 27.33
N VAL A 406 -5.62 -3.06 27.48
CA VAL A 406 -4.63 -2.60 26.52
C VAL A 406 -3.23 -2.44 27.11
N ALA A 407 -2.30 -3.28 26.65
CA ALA A 407 -0.93 -3.28 27.14
C ALA A 407 -0.07 -2.28 26.39
N PRO A 408 1.08 -1.86 26.97
CA PRO A 408 1.67 -2.20 28.27
C PRO A 408 0.99 -1.59 29.50
N VAL A 409 0.17 -0.56 29.34
CA VAL A 409 -0.47 0.09 30.51
C VAL A 409 -1.10 -0.90 31.47
N SER A 410 -1.79 -1.90 30.92
CA SER A 410 -2.45 -2.90 31.74
C SER A 410 -1.48 -3.70 32.58
N GLU A 411 -0.24 -3.84 32.10
CA GLU A 411 0.75 -4.65 32.79
C GLU A 411 1.34 -3.95 34.01
N ILE A 412 1.00 -2.69 34.24
CA ILE A 412 1.34 -2.01 35.48
C ILE A 412 0.81 -2.86 36.65
N VAL A 413 -0.40 -3.35 36.48
CA VAL A 413 -1.06 -4.15 37.50
C VAL A 413 -0.28 -5.44 37.80
N ASN A 414 0.44 -5.97 36.80
CA ASN A 414 1.24 -7.19 36.99
C ASN A 414 2.69 -6.98 37.42
N MET A 415 3.20 -5.76 37.29
CA MET A 415 4.61 -5.53 37.54
C MET A 415 4.90 -4.92 38.92
N VAL A 416 3.84 -4.67 39.70
CA VAL A 416 3.96 -3.98 40.98
C VAL A 416 4.28 -4.93 42.13
N PRO A 417 5.08 -4.46 43.11
CA PRO A 417 5.41 -5.24 44.31
C PRO A 417 4.22 -5.89 44.99
N SER A 418 4.44 -7.07 45.56
CA SER A 418 3.36 -7.92 46.06
C SER A 418 2.57 -7.36 47.24
N HIS A 419 3.22 -6.58 48.09
CA HIS A 419 2.58 -6.06 49.28
C HIS A 419 1.66 -4.86 49.01
N VAL A 420 1.86 -4.20 47.87
CA VAL A 420 1.07 -3.04 47.50
C VAL A 420 -0.40 -3.34 47.28
N PRO A 421 -1.28 -2.69 48.05
CA PRO A 421 -2.72 -2.89 47.92
C PRO A 421 -3.22 -2.41 46.56
N GLN A 422 -4.13 -3.16 45.94
CA GLN A 422 -4.69 -2.76 44.66
C GLN A 422 -6.20 -2.52 44.78
N VAL A 423 -6.63 -1.33 44.36
CA VAL A 423 -8.04 -0.96 44.47
C VAL A 423 -8.66 -0.60 43.11
N LEU A 424 -9.83 -1.16 42.82
CA LEU A 424 -10.53 -0.87 41.56
C LEU A 424 -11.81 -0.04 41.73
N ILE A 425 -11.88 1.09 41.02
CA ILE A 425 -13.10 1.89 40.94
C ILE A 425 -13.65 1.91 39.53
N ASN A 426 -14.75 1.20 39.30
CA ASN A 426 -15.24 0.99 37.95
C ASN A 426 -16.71 0.55 37.95
N ARG A 427 -17.41 0.75 36.84
CA ARG A 427 -18.78 0.25 36.75
C ARG A 427 -18.85 -1.25 36.53
N ASP A 428 -17.70 -1.87 36.24
CA ASP A 428 -17.64 -3.30 36.02
C ASP A 428 -16.45 -3.90 36.76
N PRO A 429 -16.56 -5.18 37.13
CA PRO A 429 -15.39 -5.87 37.68
C PRO A 429 -14.37 -6.09 36.57
N VAL A 430 -13.09 -6.17 36.91
CA VAL A 430 -12.09 -6.60 35.96
C VAL A 430 -11.73 -8.03 36.33
N LYS A 431 -12.16 -8.98 35.51
CA LYS A 431 -12.07 -10.39 35.87
C LYS A 431 -10.67 -10.97 35.76
N HIS A 432 -9.84 -10.40 34.88
CA HIS A 432 -8.52 -10.96 34.65
C HIS A 432 -7.47 -10.39 35.60
N ALA A 433 -7.92 -9.57 36.54
CA ALA A 433 -7.03 -9.02 37.55
C ALA A 433 -7.51 -9.38 38.96
N GLU A 434 -6.57 -9.51 39.89
CA GLU A 434 -6.95 -9.78 41.27
C GLU A 434 -6.87 -8.48 42.06
N PHE A 435 -8.03 -7.89 42.34
CA PHE A 435 -8.06 -6.62 43.04
C PHE A 435 -8.45 -6.85 44.50
N ASP A 436 -7.66 -6.29 45.42
CA ASP A 436 -7.94 -6.44 46.84
C ASP A 436 -9.32 -5.92 47.16
N LEU A 437 -9.65 -4.79 46.54
CA LEU A 437 -10.94 -4.17 46.78
C LEU A 437 -11.50 -3.57 45.50
N SER A 438 -12.74 -3.89 45.19
CA SER A 438 -13.35 -3.39 43.97
C SER A 438 -14.68 -2.73 44.28
N LEU A 439 -14.73 -1.42 44.11
CA LEU A 439 -15.97 -0.71 44.31
C LEU A 439 -16.66 -0.52 42.97
N LEU A 440 -17.77 -1.22 42.77
CA LEU A 440 -18.49 -1.20 41.51
C LEU A 440 -19.55 -0.10 41.47
N GLY A 441 -19.46 0.78 40.48
CA GLY A 441 -20.42 1.86 40.32
C GLY A 441 -19.80 3.08 39.69
N TYR A 442 -20.56 4.17 39.65
CA TYR A 442 -20.10 5.39 39.00
C TYR A 442 -18.99 6.05 39.81
N CYS A 443 -17.89 6.39 39.13
CA CYS A 443 -16.70 6.84 39.83
C CYS A 443 -16.84 8.23 40.47
N ASP A 444 -17.86 8.98 40.07
CA ASP A 444 -18.12 10.28 40.70
C ASP A 444 -18.81 10.10 42.04
N ASP A 445 -19.79 9.21 42.07
CA ASP A 445 -20.43 8.80 43.32
C ASP A 445 -19.35 8.31 44.26
N ILE A 446 -18.69 7.24 43.85
CA ILE A 446 -17.66 6.58 44.65
C ILE A 446 -16.57 7.55 45.14
N ALA A 447 -16.27 8.58 44.37
CA ALA A 447 -15.30 9.59 44.79
C ALA A 447 -15.84 10.46 45.94
N ALA A 448 -17.09 10.88 45.81
CA ALA A 448 -17.75 11.69 46.83
C ALA A 448 -17.85 10.92 48.14
N MET A 449 -18.34 9.69 48.04
CA MET A 449 -18.47 8.83 49.21
C MET A 449 -17.16 8.68 49.99
N VAL A 450 -16.09 8.36 49.28
CA VAL A 450 -14.80 8.14 49.92
C VAL A 450 -14.27 9.44 50.52
N ALA A 451 -14.44 10.53 49.80
CA ALA A 451 -13.98 11.83 50.29
C ALA A 451 -14.69 12.23 51.59
N GLN A 452 -15.94 11.84 51.72
CA GLN A 452 -16.69 12.06 52.95
C GLN A 452 -16.01 11.34 54.10
N LYS A 453 -15.84 10.03 53.92
CA LYS A 453 -15.28 9.17 54.97
C LYS A 453 -13.86 9.53 55.41
N CYS A 454 -13.17 10.34 54.63
CA CYS A 454 -11.84 10.80 55.04
C CYS A 454 -11.94 12.17 55.69
N GLY A 455 -13.15 12.73 55.69
CA GLY A 455 -13.35 14.10 56.11
C GLY A 455 -12.58 15.03 55.19
N TRP A 456 -12.72 14.79 53.89
CA TRP A 456 -11.94 15.51 52.89
C TRP A 456 -12.81 16.40 52.00
N THR A 457 -12.19 17.42 51.42
CA THR A 457 -12.91 18.34 50.53
C THR A 457 -12.39 18.28 49.10
N ILE A 458 -13.25 17.82 48.19
CA ILE A 458 -12.94 17.81 46.77
C ILE A 458 -13.06 19.21 46.20
N PRO A 459 -12.00 19.69 45.54
CA PRO A 459 -12.00 21.03 44.95
C PRO A 459 -12.75 21.10 43.61
N HIS A 460 -14.05 20.84 43.66
CA HIS A 460 -14.89 20.89 42.48
C HIS A 460 -16.13 21.74 42.75
N LYS A 461 -16.69 22.31 41.69
CA LYS A 461 -17.91 23.10 41.80
C LYS A 461 -19.06 22.27 42.37
N LYS A 462 -19.11 21.00 41.97
CA LYS A 462 -20.23 20.14 42.33
C LYS A 462 -20.05 19.51 43.72
N TRP A 463 -18.98 19.93 44.41
CA TRP A 463 -18.72 19.44 45.76
C TRP A 463 -19.78 19.87 46.77
N ASN A 464 -20.05 21.18 46.82
CA ASN A 464 -21.01 21.74 47.77
C ASN A 464 -22.36 21.05 47.75
N ASP A 465 -22.75 20.55 46.59
CA ASP A 465 -23.96 19.74 46.47
C ASP A 465 -23.71 18.27 46.83
N LEU A 466 -22.53 17.77 46.49
CA LEU A 466 -22.23 16.34 46.67
C LEU A 466 -21.88 15.97 48.11
N LYS A 467 -21.20 16.87 48.82
CA LYS A 467 -20.69 16.56 50.16
C LYS A 467 -21.78 16.07 51.12
N ASN A 468 -23.02 16.53 50.90
CA ASN A 468 -24.15 16.05 51.71
C ASN A 468 -24.85 14.82 51.12
N LYS A 469 -24.61 14.52 49.85
CA LYS A 469 -25.29 13.41 49.21
C LYS A 469 -24.92 12.07 49.87
N ASN A 470 -25.90 11.21 50.07
CA ASN A 470 -25.68 9.96 50.78
C ASN A 470 -25.69 8.73 49.88
N PHE A 471 -24.73 7.84 50.11
CA PHE A 471 -24.54 6.68 49.25
C PHE A 471 -24.67 5.35 50.00
N LYS A 472 -25.21 4.34 49.33
CA LYS A 472 -25.35 3.01 49.90
C LYS A 472 -24.22 2.10 49.39
N SER A 473 -23.52 1.45 50.31
CA SER A 473 -22.50 0.47 49.95
C SER A 473 -22.96 -0.95 50.29
N GLN A 474 -23.30 -1.72 49.27
CA GLN A 474 -23.74 -3.09 49.47
C GLN A 474 -22.65 -4.07 49.06
N GLU A 475 -22.20 -4.89 50.01
CA GLU A 475 -21.15 -5.87 49.75
C GLU A 475 -21.71 -7.10 49.05
N LYS A 476 -21.28 -7.35 47.82
CA LYS A 476 -21.73 -8.53 47.09
C LYS A 476 -20.81 -9.74 47.24
N ASP A 477 -19.60 -9.49 47.72
CA ASP A 477 -18.61 -10.54 47.98
C ASP A 477 -17.47 -9.91 48.76
N LYS A 478 -16.49 -10.71 49.17
CA LYS A 478 -15.40 -10.18 49.95
C LYS A 478 -14.55 -9.29 49.05
N GLY A 479 -14.36 -8.04 49.46
CA GLY A 479 -13.61 -7.08 48.66
C GLY A 479 -14.39 -6.52 47.48
N VAL A 480 -15.68 -6.79 47.45
CA VAL A 480 -16.55 -6.32 46.37
C VAL A 480 -17.75 -5.56 46.93
N TYR A 481 -17.93 -4.31 46.48
CA TYR A 481 -19.00 -3.45 46.96
C TYR A 481 -19.70 -2.72 45.82
N VAL A 482 -21.03 -2.66 45.86
CA VAL A 482 -21.79 -1.91 44.88
C VAL A 482 -22.25 -0.58 45.46
N VAL A 483 -21.66 0.51 44.99
CA VAL A 483 -21.92 1.84 45.55
C VAL A 483 -22.92 2.61 44.73
N THR A 484 -24.03 3.04 45.36
CA THR A 484 -25.11 3.71 44.63
C THR A 484 -25.63 4.91 45.41
N SER A 485 -26.75 5.48 44.94
CA SER A 485 -27.39 6.61 45.62
C SER A 485 -28.87 6.68 45.29
N SER B 31 18.19 7.07 -53.10
CA SER B 31 16.81 6.61 -53.26
C SER B 31 15.83 7.63 -52.69
N ASN B 32 16.38 8.70 -52.13
CA ASN B 32 15.59 9.78 -51.53
C ASN B 32 15.23 10.89 -52.49
N ASP B 33 15.52 10.68 -53.78
CA ASP B 33 15.26 11.66 -54.84
C ASP B 33 13.83 12.22 -54.81
N VAL B 34 12.90 11.44 -54.28
CA VAL B 34 11.51 11.88 -54.15
C VAL B 34 11.39 12.91 -53.03
N LEU B 35 12.31 12.84 -52.06
CA LEU B 35 12.31 13.74 -50.93
C LEU B 35 13.30 14.92 -51.03
N LYS B 36 14.08 14.96 -52.11
CA LYS B 36 15.01 16.05 -52.34
C LYS B 36 14.31 17.21 -53.04
N PRO B 37 14.44 18.43 -52.48
CA PRO B 37 13.72 19.57 -53.03
C PRO B 37 14.50 20.29 -54.12
N GLU B 38 13.89 21.31 -54.71
CA GLU B 38 14.56 22.16 -55.67
C GLU B 38 15.04 23.39 -54.91
N THR B 39 16.33 23.70 -55.03
CA THR B 39 16.87 24.86 -54.33
C THR B 39 16.18 26.11 -54.81
N PRO B 40 15.52 26.84 -53.90
CA PRO B 40 14.80 28.04 -54.30
C PRO B 40 15.83 29.10 -54.71
N LYS B 41 15.41 30.08 -55.49
CA LYS B 41 16.35 31.08 -55.97
C LYS B 41 16.20 32.33 -55.11
N GLY B 42 17.21 32.57 -54.28
CA GLY B 42 17.18 33.67 -53.35
C GLY B 42 16.28 33.42 -52.15
N PRO B 43 16.46 34.22 -51.08
CA PRO B 43 15.62 34.22 -49.88
C PRO B 43 14.27 34.90 -50.07
N ILE B 44 13.52 35.05 -48.99
CA ILE B 44 12.23 35.73 -49.03
C ILE B 44 12.46 37.22 -49.30
N ILE B 45 11.40 37.91 -49.74
CA ILE B 45 11.41 39.36 -49.95
C ILE B 45 12.15 40.11 -48.82
N SER B 51 7.35 50.74 -45.67
CA SER B 51 6.23 49.86 -46.03
C SER B 51 6.57 48.94 -47.21
N ASN B 52 6.64 47.64 -46.94
CA ASN B 52 6.82 46.66 -48.00
C ASN B 52 5.64 45.66 -48.00
N GLY B 53 4.74 45.79 -48.98
CA GLY B 53 3.64 44.84 -49.16
C GLY B 53 2.57 44.74 -48.07
N ILE B 54 1.84 45.83 -47.79
CA ILE B 54 0.87 45.86 -46.68
C ILE B 54 -0.15 44.71 -46.61
N PHE B 55 -0.91 44.48 -47.68
CA PHE B 55 -1.93 43.45 -47.70
C PHE B 55 -1.60 42.27 -48.61
N TYR B 56 -1.37 42.54 -49.89
CA TYR B 56 -0.94 41.49 -50.82
C TYR B 56 0.18 40.72 -50.13
N GLY B 57 1.19 41.44 -49.66
CA GLY B 57 2.28 40.86 -48.90
C GLY B 57 3.10 39.93 -49.77
N PRO B 58 4.19 39.38 -49.22
CA PRO B 58 4.73 38.22 -49.91
C PRO B 58 3.67 37.13 -49.83
N SER B 59 3.31 36.55 -50.95
CA SER B 59 2.36 35.45 -50.95
C SER B 59 3.09 34.18 -51.28
N PHE B 60 2.58 33.06 -50.79
CA PHE B 60 3.23 31.77 -51.00
C PHE B 60 2.28 30.68 -51.50
N THR B 61 2.81 29.82 -52.36
CA THR B 61 2.03 28.78 -52.99
C THR B 61 2.43 27.40 -52.45
N LYS B 62 1.46 26.49 -52.42
CA LYS B 62 1.64 25.16 -51.85
C LYS B 62 2.90 24.47 -52.31
N ARG B 63 3.26 24.64 -53.58
CA ARG B 63 4.49 24.04 -54.07
C ARG B 63 5.71 24.65 -53.38
N GLU B 64 5.64 25.96 -53.11
CA GLU B 64 6.76 26.64 -52.47
C GLU B 64 6.87 26.23 -51.01
N SER B 65 5.72 26.10 -50.35
CA SER B 65 5.65 25.69 -48.96
C SER B 65 6.12 24.25 -48.77
N LEU B 66 5.53 23.35 -49.54
CA LEU B 66 5.92 21.95 -49.47
C LEU B 66 7.40 21.78 -49.82
N ASN B 67 7.89 22.59 -50.74
CA ASN B 67 9.31 22.54 -51.12
C ASN B 67 10.17 23.01 -49.97
N ALA B 68 9.64 23.95 -49.21
CA ALA B 68 10.33 24.46 -48.04
C ALA B 68 10.45 23.33 -47.03
N ARG B 69 9.32 22.71 -46.70
CA ARG B 69 9.30 21.62 -45.75
C ARG B 69 10.29 20.54 -46.16
N MET B 70 10.33 20.23 -47.45
CA MET B 70 11.28 19.25 -47.96
C MET B 70 12.69 19.77 -47.75
N PHE B 71 12.89 21.06 -48.02
CA PHE B 71 14.23 21.66 -47.92
C PHE B 71 14.69 21.54 -46.50
N LEU B 72 13.79 21.86 -45.58
CA LEU B 72 14.06 21.81 -44.16
C LEU B 72 14.52 20.42 -43.78
N LYS B 73 13.70 19.42 -44.10
CA LYS B 73 14.00 18.04 -43.75
C LYS B 73 15.19 17.46 -44.51
N TYR B 74 15.47 18.01 -45.70
CA TYR B 74 16.60 17.52 -46.48
C TYR B 74 17.96 18.06 -46.01
N TYR B 75 18.04 19.37 -45.80
CA TYR B 75 19.30 20.02 -45.44
C TYR B 75 19.53 20.35 -43.96
N GLY B 76 18.53 20.11 -43.12
CA GLY B 76 18.63 20.49 -41.72
C GLY B 76 18.07 21.87 -41.48
N ALA B 77 17.93 22.24 -40.21
CA ALA B 77 17.34 23.52 -39.85
C ALA B 77 18.29 24.67 -40.13
N HIS B 78 19.58 24.44 -39.89
CA HIS B 78 20.61 25.45 -40.08
C HIS B 78 20.59 25.97 -41.51
N LYS B 79 20.87 25.09 -42.46
CA LYS B 79 20.88 25.46 -43.87
C LYS B 79 19.57 26.11 -44.31
N PHE B 80 18.46 25.60 -43.78
CA PHE B 80 17.15 26.15 -44.11
C PHE B 80 17.09 27.60 -43.68
N LEU B 81 17.58 27.86 -42.48
CA LEU B 81 17.60 29.21 -41.94
C LEU B 81 18.51 30.11 -42.79
N ASP B 82 19.73 29.67 -43.05
CA ASP B 82 20.70 30.47 -43.80
C ASP B 82 20.18 30.92 -45.17
N THR B 83 19.75 29.96 -45.98
CA THR B 83 19.39 30.22 -47.37
C THR B 83 18.08 31.01 -47.51
N TYR B 84 17.04 30.59 -46.81
CA TYR B 84 15.73 31.21 -46.96
C TYR B 84 15.61 32.60 -46.36
N LEU B 85 16.67 33.11 -45.73
CA LEU B 85 16.61 34.45 -45.13
C LEU B 85 17.53 35.44 -45.87
N PRO B 86 17.16 36.74 -45.85
CA PRO B 86 17.95 37.79 -46.50
C PRO B 86 19.28 38.01 -45.81
N GLU B 87 20.29 38.47 -46.55
CA GLU B 87 21.63 38.71 -46.01
C GLU B 87 21.60 39.51 -44.72
N ASP B 88 20.70 40.49 -44.65
CA ASP B 88 20.40 41.17 -43.39
C ASP B 88 18.91 41.47 -43.25
N LEU B 89 18.36 41.03 -42.13
CA LEU B 89 16.92 40.88 -41.96
C LEU B 89 16.29 41.80 -40.92
N ASN B 90 14.99 41.60 -40.71
CA ASN B 90 14.30 42.22 -39.58
C ASN B 90 13.31 41.21 -39.00
N SER B 91 12.57 41.64 -37.99
CA SER B 91 11.64 40.78 -37.27
C SER B 91 10.43 40.33 -38.09
N LEU B 92 10.27 40.90 -39.29
CA LEU B 92 9.11 40.59 -40.11
C LEU B 92 9.23 39.25 -40.85
N TYR B 93 10.45 38.88 -41.22
CA TYR B 93 10.70 37.61 -41.89
C TYR B 93 10.28 36.43 -41.02
N ILE B 94 10.40 36.61 -39.71
CA ILE B 94 10.03 35.61 -38.72
C ILE B 94 8.57 35.20 -38.87
N TYR B 95 7.71 36.13 -39.27
CA TYR B 95 6.31 35.80 -39.50
C TYR B 95 6.10 35.08 -40.82
N TYR B 96 6.91 35.43 -41.81
CA TYR B 96 6.74 34.84 -43.13
C TYR B 96 7.34 33.47 -43.29
N LEU B 97 8.43 33.21 -42.53
CA LEU B 97 8.98 31.87 -42.47
C LEU B 97 7.91 30.92 -41.95
N ILE B 98 6.98 31.45 -41.16
CA ILE B 98 5.87 30.67 -40.67
C ILE B 98 4.85 30.43 -41.77
N LYS B 99 4.60 31.45 -42.58
CA LYS B 99 3.67 31.33 -43.71
C LYS B 99 4.31 30.48 -44.80
N LEU B 100 5.63 30.64 -44.96
CA LEU B 100 6.39 29.87 -45.95
C LEU B 100 6.33 28.36 -45.71
N LEU B 101 6.25 27.98 -44.43
CA LEU B 101 6.22 26.58 -44.05
C LEU B 101 4.79 26.07 -44.00
N GLY B 102 3.87 26.93 -44.46
CA GLY B 102 2.47 26.56 -44.58
C GLY B 102 1.76 26.58 -43.24
N PHE B 103 2.07 27.58 -42.42
CA PHE B 103 1.40 27.80 -41.14
C PHE B 103 0.75 29.17 -41.08
N GLU B 104 -0.38 29.24 -40.38
CA GLU B 104 -1.08 30.51 -40.16
C GLU B 104 -1.13 30.85 -38.67
N VAL B 105 -0.56 31.99 -38.30
CA VAL B 105 -0.52 32.41 -36.90
C VAL B 105 -1.87 32.95 -36.46
N LYS B 106 -2.45 32.30 -35.46
CA LYS B 106 -3.86 32.50 -35.11
C LYS B 106 -4.11 33.59 -34.06
N ASP B 107 -3.07 34.35 -33.73
CA ASP B 107 -3.18 35.33 -32.64
C ASP B 107 -3.72 36.65 -33.20
N GLN B 108 -4.95 36.98 -32.80
CA GLN B 108 -5.74 38.04 -33.44
C GLN B 108 -5.11 39.42 -33.37
N ALA B 109 -4.75 39.84 -32.17
CA ALA B 109 -4.12 41.14 -31.96
C ALA B 109 -2.84 41.24 -32.80
N LEU B 110 -2.17 40.10 -32.97
CA LEU B 110 -0.93 40.06 -33.71
C LEU B 110 -1.17 40.21 -35.22
N ILE B 111 -2.21 39.54 -35.72
CA ILE B 111 -2.57 39.59 -37.14
C ILE B 111 -2.77 41.03 -37.61
N GLY B 112 -3.79 41.67 -37.07
CA GLY B 112 -4.15 43.03 -37.43
C GLY B 112 -3.01 44.02 -37.37
N THR B 113 -2.11 43.82 -36.40
CA THR B 113 -0.92 44.66 -36.31
C THR B 113 -0.08 44.48 -37.57
N ILE B 114 0.10 43.24 -38.00
CA ILE B 114 0.90 42.91 -39.17
C ILE B 114 0.25 43.35 -40.47
N ASN B 115 -1.06 43.13 -40.58
CA ASN B 115 -1.82 43.52 -41.77
C ASN B 115 -1.55 44.97 -42.15
N SER B 116 -1.68 45.86 -41.18
CA SER B 116 -1.53 47.28 -41.41
C SER B 116 -0.07 47.76 -41.46
N ILE B 117 0.73 47.36 -40.48
CA ILE B 117 2.04 47.97 -40.24
C ILE B 117 2.98 47.92 -41.45
N VAL B 118 3.47 46.73 -41.78
CA VAL B 118 4.29 46.48 -42.95
C VAL B 118 5.32 47.58 -43.25
N ASP B 140 13.29 49.01 -35.54
CA ASP B 140 12.65 47.77 -35.97
C ASP B 140 11.13 47.90 -35.87
N PRO B 141 10.41 47.34 -36.87
CA PRO B 141 8.95 47.44 -36.98
C PRO B 141 8.20 46.84 -35.79
N LEU B 142 8.65 45.66 -35.36
CA LEU B 142 7.91 44.89 -34.36
C LEU B 142 8.28 45.20 -32.92
N ALA B 143 7.26 45.17 -32.06
CA ALA B 143 7.44 45.34 -30.62
C ALA B 143 8.26 44.18 -30.06
N LYS B 144 8.87 44.39 -28.91
CA LYS B 144 9.68 43.36 -28.28
C LYS B 144 8.86 42.13 -27.87
N LYS B 145 7.66 42.35 -27.32
CA LYS B 145 6.76 41.25 -26.96
C LYS B 145 6.44 40.35 -28.15
N GLN B 146 5.75 40.91 -29.15
CA GLN B 146 5.37 40.18 -30.34
C GLN B 146 6.55 39.46 -30.99
N THR B 147 7.70 40.12 -31.03
CA THR B 147 8.90 39.52 -31.61
C THR B 147 9.29 38.20 -30.93
N VAL B 148 9.01 38.09 -29.63
CA VAL B 148 9.25 36.85 -28.91
C VAL B 148 8.13 35.86 -29.20
N ARG B 149 6.89 36.37 -29.23
CA ARG B 149 5.73 35.54 -29.53
C ARG B 149 5.90 34.92 -30.92
N LEU B 150 6.66 35.59 -31.77
CA LEU B 150 6.96 35.11 -33.12
C LEU B 150 8.01 33.99 -33.12
N ILE B 151 9.20 34.31 -32.64
CA ILE B 151 10.31 33.35 -32.57
C ILE B 151 9.91 32.01 -31.98
N LYS B 152 9.10 32.04 -30.93
CA LYS B 152 8.57 30.81 -30.34
C LYS B 152 7.79 30.02 -31.36
N ASP B 153 6.78 30.64 -31.95
CA ASP B 153 5.89 29.98 -32.90
C ASP B 153 6.63 29.47 -34.14
N LEU B 154 7.75 30.08 -34.48
CA LEU B 154 8.56 29.58 -35.59
C LEU B 154 9.25 28.28 -35.19
N GLN B 155 9.79 28.27 -33.97
CA GLN B 155 10.41 27.07 -33.41
C GLN B 155 9.42 25.91 -33.33
N ARG B 156 8.20 26.20 -32.89
CA ARG B 156 7.12 25.22 -32.87
C ARG B 156 6.83 24.70 -34.27
N ALA B 157 6.81 25.61 -35.23
CA ALA B 157 6.53 25.26 -36.62
C ALA B 157 7.65 24.38 -37.17
N ILE B 158 8.89 24.85 -37.04
CA ILE B 158 10.04 24.08 -37.48
C ILE B 158 10.07 22.68 -36.89
N ASN B 159 9.76 22.56 -35.60
CA ASN B 159 9.76 21.27 -34.94
C ASN B 159 8.63 20.35 -35.42
N LYS B 160 7.48 20.93 -35.73
CA LYS B 160 6.35 20.14 -36.20
C LYS B 160 6.66 19.52 -37.56
N VAL B 161 7.33 20.27 -38.42
CA VAL B 161 7.72 19.75 -39.74
C VAL B 161 8.87 18.76 -39.63
N LEU B 162 9.90 19.12 -38.87
CA LEU B 162 11.02 18.22 -38.63
C LEU B 162 10.54 16.89 -38.04
N CYS B 163 9.49 16.93 -37.24
CA CYS B 163 8.93 15.73 -36.61
C CYS B 163 7.76 15.09 -37.34
N THR B 164 7.41 15.62 -38.53
CA THR B 164 6.32 15.05 -39.33
C THR B 164 6.82 14.40 -40.61
N ARG B 165 6.36 13.17 -40.85
CA ARG B 165 6.68 12.45 -42.08
C ARG B 165 6.08 13.14 -43.32
N LEU B 166 6.83 13.08 -44.42
CA LEU B 166 6.34 13.54 -45.72
C LEU B 166 6.00 12.35 -46.61
N ARG B 167 4.73 12.24 -46.99
CA ARG B 167 4.28 11.11 -47.81
C ARG B 167 4.99 11.07 -49.17
N LEU B 168 5.32 9.86 -49.62
CA LEU B 168 5.98 9.66 -50.91
C LEU B 168 5.02 9.95 -52.06
N SER B 169 5.43 10.87 -52.92
CA SER B 169 4.58 11.32 -54.03
C SER B 169 4.36 10.20 -55.04
N ASN B 170 5.29 9.26 -55.11
CA ASN B 170 5.17 8.17 -56.06
C ASN B 170 4.54 6.88 -55.52
N PHE B 171 4.23 6.84 -54.22
CA PHE B 171 3.46 5.71 -53.68
C PHE B 171 2.14 6.24 -53.11
N PHE B 172 1.10 6.33 -53.94
CA PHE B 172 -0.26 6.66 -53.49
C PHE B 172 -1.40 5.66 -53.72
N THR B 173 -1.10 4.50 -54.30
CA THR B 173 -2.20 3.68 -54.84
C THR B 173 -2.09 2.18 -54.62
N ILE B 174 -3.23 1.51 -54.73
CA ILE B 174 -3.30 0.06 -54.55
C ILE B 174 -2.30 -0.69 -55.44
N ASP B 175 -2.17 -0.26 -56.69
CA ASP B 175 -1.25 -0.92 -57.61
C ASP B 175 0.19 -0.78 -57.16
N HIS B 176 0.56 0.43 -56.72
CA HIS B 176 1.88 0.68 -56.17
C HIS B 176 2.20 -0.35 -55.09
N PHE B 177 1.27 -0.49 -54.15
CA PHE B 177 1.41 -1.43 -53.04
C PHE B 177 1.59 -2.85 -53.56
N ILE B 178 0.84 -3.19 -54.61
CA ILE B 178 0.93 -4.53 -55.17
C ILE B 178 2.29 -4.76 -55.80
N GLN B 179 2.73 -3.81 -56.62
CA GLN B 179 4.01 -3.94 -57.31
C GLN B 179 5.15 -4.05 -56.30
N LYS B 180 5.05 -3.28 -55.23
CA LYS B 180 6.06 -3.24 -54.17
C LYS B 180 6.19 -4.59 -53.45
N LEU B 181 5.07 -5.27 -53.30
CA LEU B 181 5.05 -6.59 -52.67
C LEU B 181 5.91 -7.58 -53.43
N HIS B 182 5.93 -7.43 -54.75
CA HIS B 182 6.70 -8.34 -55.60
C HIS B 182 8.21 -8.10 -55.51
N THR B 183 8.59 -6.84 -55.29
CA THR B 183 10.00 -6.46 -55.24
C THR B 183 10.63 -6.43 -53.85
N ALA B 184 9.81 -6.54 -52.80
CA ALA B 184 10.30 -6.35 -51.44
C ALA B 184 10.91 -7.62 -50.82
N ARG B 185 12.19 -7.56 -50.48
CA ARG B 185 12.81 -8.68 -49.77
C ARG B 185 12.82 -8.58 -48.25
N LYS B 186 12.54 -7.38 -47.72
CA LYS B 186 12.45 -7.21 -46.26
C LYS B 186 11.17 -6.49 -45.88
N ILE B 187 10.23 -7.19 -45.28
CA ILE B 187 8.95 -6.58 -44.95
C ILE B 187 8.73 -6.62 -43.45
N LEU B 188 8.45 -5.46 -42.89
CA LEU B 188 8.25 -5.33 -41.46
C LEU B 188 6.75 -5.17 -41.22
N VAL B 189 6.16 -6.15 -40.55
CA VAL B 189 4.72 -6.15 -40.30
C VAL B 189 4.37 -5.97 -38.83
N LEU B 190 3.56 -4.95 -38.53
CA LEU B 190 3.16 -4.61 -37.17
C LEU B 190 1.66 -4.91 -37.03
N THR B 191 1.30 -5.90 -36.21
CA THR B 191 -0.11 -6.23 -36.03
C THR B 191 -0.68 -5.87 -34.66
N GLY B 192 -1.91 -5.36 -34.67
CA GLY B 192 -2.62 -5.05 -33.44
C GLY B 192 -3.77 -5.99 -33.14
N ALA B 193 -4.69 -5.54 -32.30
CA ALA B 193 -5.78 -6.38 -31.84
C ALA B 193 -6.76 -6.75 -32.96
N GLY B 194 -6.90 -5.87 -33.94
CA GLY B 194 -7.86 -6.05 -35.02
C GLY B 194 -7.77 -7.36 -35.78
N VAL B 195 -6.56 -7.87 -35.96
CA VAL B 195 -6.36 -9.05 -36.78
C VAL B 195 -7.01 -10.27 -36.15
N SER B 196 -7.32 -10.16 -34.86
CA SER B 196 -7.97 -11.25 -34.16
C SER B 196 -9.49 -11.14 -33.95
N THR B 197 -10.10 -10.00 -34.32
CA THR B 197 -11.54 -9.82 -34.04
C THR B 197 -12.40 -10.84 -34.80
N SER B 198 -11.98 -11.18 -36.02
CA SER B 198 -12.71 -12.13 -36.85
C SER B 198 -12.76 -13.52 -36.23
N LEU B 199 -11.98 -13.74 -35.17
CA LEU B 199 -12.04 -15.01 -34.47
C LEU B 199 -12.93 -14.93 -33.22
N GLY B 200 -13.52 -13.76 -33.00
CA GLY B 200 -14.40 -13.57 -31.85
C GLY B 200 -13.79 -12.79 -30.69
N ILE B 201 -12.47 -12.74 -30.65
CA ILE B 201 -11.78 -11.92 -29.65
C ILE B 201 -11.97 -10.44 -29.95
N PRO B 202 -12.63 -9.71 -29.05
CA PRO B 202 -12.84 -8.29 -29.32
C PRO B 202 -11.53 -7.53 -29.24
N ASP B 203 -11.42 -6.40 -29.92
CA ASP B 203 -10.23 -5.57 -29.77
C ASP B 203 -10.32 -4.78 -28.48
N PHE B 204 -9.32 -3.96 -28.20
CA PHE B 204 -9.35 -3.14 -26.99
C PHE B 204 -10.21 -1.89 -27.11
N ARG B 205 -9.98 -1.09 -28.13
CA ARG B 205 -10.56 0.24 -28.16
C ARG B 205 -11.79 0.51 -29.01
N SER B 206 -12.31 -0.49 -29.71
CA SER B 206 -13.47 -0.24 -30.55
C SER B 206 -14.72 -0.02 -29.70
N SER B 207 -15.84 0.22 -30.38
CA SER B 207 -17.10 0.50 -29.71
C SER B 207 -17.53 -0.65 -28.81
N GLU B 208 -17.43 -1.86 -29.35
CA GLU B 208 -17.81 -3.08 -28.65
C GLU B 208 -16.63 -3.80 -27.99
N GLY B 209 -15.46 -3.15 -27.99
CA GLY B 209 -14.23 -3.75 -27.50
C GLY B 209 -14.07 -3.96 -26.00
N PHE B 210 -12.87 -4.37 -25.60
CA PHE B 210 -12.57 -4.77 -24.23
C PHE B 210 -12.85 -3.72 -23.18
N TYR B 211 -12.26 -2.54 -23.33
CA TYR B 211 -12.32 -1.53 -22.28
C TYR B 211 -13.74 -1.08 -21.97
N SER B 212 -14.62 -1.14 -22.97
CA SER B 212 -16.01 -0.75 -22.78
C SER B 212 -16.79 -1.77 -21.95
N LYS B 213 -16.37 -3.03 -21.99
CA LYS B 213 -17.09 -4.10 -21.31
C LYS B 213 -16.82 -4.11 -19.81
N ILE B 214 -15.70 -3.54 -19.40
CA ILE B 214 -15.27 -3.58 -18.01
C ILE B 214 -15.74 -2.38 -17.20
N LYS B 215 -16.62 -1.56 -17.76
CA LYS B 215 -17.05 -0.35 -17.09
C LYS B 215 -17.79 -0.58 -15.75
N HIS B 216 -18.15 -1.82 -15.47
CA HIS B 216 -18.79 -2.18 -14.20
C HIS B 216 -17.87 -2.07 -12.98
N LEU B 217 -16.56 -1.96 -13.22
CA LEU B 217 -15.60 -1.86 -12.12
C LEU B 217 -15.52 -0.43 -11.58
N GLY B 218 -16.27 0.48 -12.18
CA GLY B 218 -16.29 1.87 -11.72
C GLY B 218 -14.96 2.57 -11.87
N LEU B 219 -14.00 1.88 -12.50
CA LEU B 219 -12.73 2.47 -12.87
C LEU B 219 -12.95 3.69 -13.75
N ASP B 220 -12.37 4.80 -13.33
CA ASP B 220 -12.39 6.04 -14.10
C ASP B 220 -11.69 5.85 -15.44
N ASP B 221 -10.52 5.22 -15.39
CA ASP B 221 -9.79 4.86 -16.58
C ASP B 221 -9.69 3.34 -16.65
N PRO B 222 -10.44 2.71 -17.56
CA PRO B 222 -10.46 1.25 -17.64
C PRO B 222 -9.10 0.68 -17.99
N GLN B 223 -8.21 1.53 -18.51
CA GLN B 223 -6.86 1.07 -18.84
C GLN B 223 -6.05 0.78 -17.59
N ASP B 224 -6.44 1.38 -16.47
CA ASP B 224 -5.77 1.14 -15.20
C ASP B 224 -5.78 -0.35 -14.82
N VAL B 225 -6.67 -1.11 -15.44
CA VAL B 225 -6.77 -2.54 -15.18
C VAL B 225 -5.44 -3.23 -15.53
N PHE B 226 -4.78 -2.70 -16.57
CA PHE B 226 -3.49 -3.20 -17.03
C PHE B 226 -2.29 -2.38 -16.51
N ASN B 227 -2.56 -1.45 -15.60
CA ASN B 227 -1.50 -0.64 -14.99
C ASN B 227 -0.65 -1.41 -13.97
N TYR B 228 0.67 -1.22 -14.08
CA TYR B 228 1.64 -1.95 -13.25
C TYR B 228 1.67 -1.48 -11.82
N ASN B 229 1.61 -0.17 -11.62
CA ASN B 229 1.58 0.42 -10.28
C ASN B 229 0.38 -0.06 -9.52
N ILE B 230 -0.75 -0.12 -10.21
CA ILE B 230 -1.97 -0.57 -9.57
C ILE B 230 -1.90 -2.05 -9.24
N PHE B 231 -1.26 -2.84 -10.10
CA PHE B 231 -1.13 -4.27 -9.84
C PHE B 231 -0.31 -4.52 -8.58
N MET B 232 0.65 -3.65 -8.31
CA MET B 232 1.50 -3.84 -7.14
C MET B 232 0.77 -3.45 -5.87
N HIS B 233 -0.11 -2.46 -6.01
CA HIS B 233 -0.94 -2.04 -4.88
C HIS B 233 -2.19 -2.91 -4.70
N ASP B 234 -2.83 -3.28 -5.80
CA ASP B 234 -4.08 -4.05 -5.77
C ASP B 234 -4.19 -5.03 -6.95
N PRO B 235 -3.55 -6.20 -6.83
CA PRO B 235 -3.57 -7.19 -7.91
C PRO B 235 -4.98 -7.71 -8.23
N SER B 236 -5.93 -7.46 -7.33
CA SER B 236 -7.30 -7.93 -7.51
C SER B 236 -8.02 -7.29 -8.68
N VAL B 237 -7.68 -6.04 -8.98
CA VAL B 237 -8.25 -5.35 -10.12
C VAL B 237 -8.03 -6.14 -11.42
N PHE B 238 -6.78 -6.43 -11.73
CA PHE B 238 -6.45 -7.18 -12.94
C PHE B 238 -7.10 -8.57 -12.95
N TYR B 239 -6.98 -9.29 -11.84
CA TYR B 239 -7.44 -10.68 -11.80
C TYR B 239 -8.95 -10.82 -11.89
N ASN B 240 -9.66 -9.73 -11.67
CA ASN B 240 -11.10 -9.71 -11.83
C ASN B 240 -11.48 -9.86 -13.30
N ILE B 241 -10.76 -9.17 -14.16
CA ILE B 241 -10.98 -9.24 -15.60
C ILE B 241 -10.02 -10.17 -16.35
N ALA B 242 -9.06 -10.75 -15.64
CA ALA B 242 -8.01 -11.56 -16.28
C ALA B 242 -8.54 -12.68 -17.17
N ASN B 243 -9.61 -13.34 -16.74
CA ASN B 243 -10.20 -14.42 -17.54
C ASN B 243 -10.59 -13.96 -18.94
N MET B 244 -11.00 -12.71 -19.07
CA MET B 244 -11.39 -12.16 -20.36
C MET B 244 -10.24 -12.08 -21.37
N VAL B 245 -9.01 -11.99 -20.88
CA VAL B 245 -7.88 -11.91 -21.79
C VAL B 245 -7.12 -13.21 -22.02
N LEU B 246 -7.56 -14.30 -21.38
CA LEU B 246 -6.97 -15.61 -21.66
C LEU B 246 -7.11 -15.95 -23.13
N PRO B 247 -6.02 -16.42 -23.73
CA PRO B 247 -5.97 -16.74 -25.16
C PRO B 247 -6.76 -18.01 -25.48
N PRO B 248 -7.43 -18.03 -26.64
CA PRO B 248 -8.12 -19.22 -27.12
C PRO B 248 -7.12 -20.20 -27.70
N GLU B 249 -7.59 -21.34 -28.20
CA GLU B 249 -6.66 -22.39 -28.64
C GLU B 249 -6.61 -22.60 -30.15
N LYS B 250 -5.40 -22.79 -30.66
CA LYS B 250 -5.11 -23.29 -32.01
C LYS B 250 -6.06 -22.77 -33.10
N ILE B 251 -6.10 -21.46 -33.29
CA ILE B 251 -6.91 -20.86 -34.35
C ILE B 251 -6.21 -19.64 -34.90
N TYR B 252 -6.45 -19.33 -36.17
CA TYR B 252 -5.93 -18.11 -36.76
C TYR B 252 -6.74 -17.62 -37.94
N SER B 253 -6.71 -16.31 -38.16
CA SER B 253 -7.45 -15.68 -39.25
C SER B 253 -6.68 -15.82 -40.56
N PRO B 254 -7.35 -15.53 -41.69
CA PRO B 254 -6.64 -15.44 -42.97
C PRO B 254 -5.41 -14.51 -42.90
N LEU B 255 -5.57 -13.36 -42.25
CA LEU B 255 -4.47 -12.38 -42.20
C LEU B 255 -3.21 -12.93 -41.57
N HIS B 256 -3.37 -13.79 -40.57
CA HIS B 256 -2.22 -14.47 -39.99
C HIS B 256 -1.53 -15.31 -41.07
N SER B 257 -2.34 -15.92 -41.93
CA SER B 257 -1.78 -16.77 -42.97
C SER B 257 -1.12 -15.96 -44.07
N PHE B 258 -1.58 -14.73 -44.25
CA PHE B 258 -0.96 -13.81 -45.21
C PHE B 258 0.49 -13.55 -44.79
N ILE B 259 0.70 -13.28 -43.51
CA ILE B 259 2.04 -13.07 -42.95
C ILE B 259 2.84 -14.36 -43.05
N LYS B 260 2.15 -15.48 -42.86
CA LYS B 260 2.75 -16.80 -43.02
C LYS B 260 3.24 -16.98 -44.44
N MET B 261 2.39 -16.54 -45.38
CA MET B 261 2.70 -16.60 -46.80
C MET B 261 3.94 -15.78 -47.15
N LEU B 262 4.01 -14.57 -46.59
CA LEU B 262 5.15 -13.71 -46.81
C LEU B 262 6.43 -14.38 -46.30
N GLN B 263 6.30 -15.09 -45.18
CA GLN B 263 7.46 -15.76 -44.61
C GLN B 263 7.95 -16.90 -45.51
N MET B 264 7.01 -17.62 -46.11
CA MET B 264 7.35 -18.73 -47.01
C MET B 264 8.07 -18.21 -48.27
N LYS B 265 7.66 -17.05 -48.74
CA LYS B 265 8.26 -16.44 -49.92
C LYS B 265 9.58 -15.74 -49.59
N GLY B 266 9.96 -15.78 -48.32
CA GLY B 266 11.21 -15.20 -47.86
C GLY B 266 11.21 -13.69 -47.83
N LYS B 267 10.02 -13.10 -47.90
CA LYS B 267 9.87 -11.65 -47.95
C LYS B 267 9.67 -11.00 -46.58
N LEU B 268 9.52 -11.82 -45.55
CA LEU B 268 9.17 -11.30 -44.23
C LEU B 268 10.39 -11.06 -43.37
N LEU B 269 10.68 -9.79 -43.08
CA LEU B 269 11.78 -9.42 -42.22
C LEU B 269 11.46 -9.79 -40.76
N ARG B 270 10.26 -9.43 -40.32
CA ARG B 270 9.83 -9.71 -38.95
C ARG B 270 8.37 -9.30 -38.78
N ASN B 271 7.72 -9.95 -37.82
CA ASN B 271 6.36 -9.58 -37.46
C ASN B 271 6.33 -9.17 -36.00
N TYR B 272 6.09 -7.89 -35.78
CA TYR B 272 5.94 -7.35 -34.44
C TYR B 272 4.47 -7.30 -34.07
N THR B 273 4.09 -8.08 -33.06
CA THR B 273 2.71 -8.11 -32.64
C THR B 273 2.54 -7.50 -31.25
N GLN B 274 1.44 -6.79 -31.05
CA GLN B 274 1.08 -6.29 -29.75
C GLN B 274 0.12 -7.26 -29.09
N ASN B 275 -0.13 -8.38 -29.76
CA ASN B 275 -1.10 -9.36 -29.31
C ASN B 275 -0.49 -10.40 -28.39
N ILE B 276 -1.21 -10.72 -27.32
CA ILE B 276 -0.75 -11.71 -26.36
C ILE B 276 -1.39 -13.08 -26.57
N ASP B 277 -2.30 -13.18 -27.54
CA ASP B 277 -3.01 -14.45 -27.82
C ASP B 277 -2.17 -15.57 -28.43
N ASN B 278 -0.96 -15.22 -28.88
CA ASN B 278 -0.04 -16.22 -29.41
C ASN B 278 -0.56 -16.97 -30.64
N LEU B 279 -1.48 -16.36 -31.38
CA LEU B 279 -2.05 -17.00 -32.57
C LEU B 279 -1.03 -17.07 -33.69
N GLU B 280 -0.12 -16.10 -33.72
CA GLU B 280 0.96 -16.06 -34.70
C GLU B 280 1.68 -17.39 -34.83
N SER B 281 2.07 -17.98 -33.71
CA SER B 281 2.87 -19.20 -33.74
C SER B 281 2.10 -20.37 -34.32
N TYR B 282 0.78 -20.35 -34.16
CA TYR B 282 -0.07 -21.42 -34.69
C TYR B 282 -0.22 -21.34 -36.21
N ALA B 283 -0.20 -20.12 -36.75
CA ALA B 283 -0.33 -19.92 -38.19
C ALA B 283 0.94 -20.30 -38.92
N GLY B 284 1.99 -20.60 -38.16
CA GLY B 284 3.25 -21.06 -38.73
C GLY B 284 4.43 -20.11 -38.67
N ILE B 285 4.19 -18.87 -38.23
CA ILE B 285 5.26 -17.88 -38.07
C ILE B 285 6.35 -18.43 -37.15
N SER B 286 7.60 -18.37 -37.59
CA SER B 286 8.71 -18.91 -36.81
C SER B 286 9.19 -17.98 -35.68
N THR B 287 9.82 -18.58 -34.66
CA THR B 287 10.29 -17.86 -33.48
C THR B 287 11.26 -16.72 -33.80
N ASP B 288 12.08 -16.90 -34.83
CA ASP B 288 13.01 -15.86 -35.23
C ASP B 288 12.31 -14.71 -35.96
N LYS B 289 11.21 -15.02 -36.63
CA LYS B 289 10.43 -14.01 -37.35
C LYS B 289 9.43 -13.27 -36.46
N LEU B 290 9.17 -13.81 -35.27
CA LEU B 290 8.11 -13.27 -34.42
C LEU B 290 8.60 -12.58 -33.15
N VAL B 291 8.02 -11.42 -32.86
CA VAL B 291 8.30 -10.69 -31.64
C VAL B 291 7.01 -10.30 -30.95
N GLN B 292 6.84 -10.76 -29.72
CA GLN B 292 5.67 -10.34 -28.98
C GLN B 292 6.10 -9.22 -28.07
N CYS B 293 5.74 -8.01 -28.47
CA CYS B 293 6.29 -6.79 -27.88
C CYS B 293 5.62 -6.52 -26.56
N HIS B 294 4.42 -7.03 -26.43
CA HIS B 294 3.64 -6.88 -25.21
C HIS B 294 3.64 -8.07 -24.25
N GLY B 295 4.51 -9.04 -24.51
CA GLY B 295 4.60 -10.20 -23.65
C GLY B 295 3.62 -11.29 -24.04
N SER B 296 3.54 -12.34 -23.24
CA SER B 296 2.64 -13.44 -23.52
C SER B 296 2.33 -14.20 -22.25
N PHE B 297 1.31 -15.05 -22.30
CA PHE B 297 0.89 -15.83 -21.15
C PHE B 297 1.72 -17.09 -20.99
N ALA B 298 2.71 -17.26 -21.87
CA ALA B 298 3.58 -18.44 -21.85
C ALA B 298 4.13 -18.74 -20.46
N THR B 299 4.56 -17.70 -19.77
CA THR B 299 5.04 -17.86 -18.41
C THR B 299 4.48 -16.79 -17.46
N ALA B 300 4.62 -17.04 -16.18
CA ALA B 300 4.27 -16.08 -15.14
C ALA B 300 5.41 -15.98 -14.13
N THR B 301 5.42 -14.89 -13.36
CA THR B 301 6.52 -14.63 -12.44
C THR B 301 6.03 -14.03 -11.11
N CYS B 302 6.58 -14.53 -10.00
CA CYS B 302 6.27 -13.93 -8.70
C CYS B 302 6.91 -12.55 -8.63
N VAL B 303 6.11 -11.54 -8.28
CA VAL B 303 6.60 -10.17 -8.24
C VAL B 303 7.46 -9.89 -7.02
N THR B 304 7.55 -10.84 -6.10
CA THR B 304 8.41 -10.65 -4.92
C THR B 304 9.72 -11.43 -5.05
N CYS B 305 9.60 -12.74 -5.22
CA CYS B 305 10.77 -13.60 -5.30
C CYS B 305 11.33 -13.85 -6.72
N HIS B 306 10.61 -13.39 -7.74
CA HIS B 306 11.05 -13.50 -9.14
C HIS B 306 11.25 -14.90 -9.69
N TRP B 307 10.64 -15.90 -9.05
CA TRP B 307 10.65 -17.26 -9.56
C TRP B 307 9.74 -17.29 -10.77
N ASN B 308 10.26 -17.82 -11.88
CA ASN B 308 9.48 -17.92 -13.10
C ASN B 308 8.92 -19.32 -13.33
N LEU B 309 7.63 -19.40 -13.68
CA LEU B 309 6.97 -20.69 -13.88
C LEU B 309 6.06 -20.68 -15.13
N PRO B 310 5.70 -21.87 -15.65
CA PRO B 310 4.84 -22.00 -16.83
C PRO B 310 3.45 -21.40 -16.67
N GLY B 311 3.00 -20.65 -17.66
CA GLY B 311 1.75 -19.91 -17.58
C GLY B 311 0.48 -20.73 -17.44
N GLU B 312 0.44 -21.89 -18.08
CA GLU B 312 -0.74 -22.76 -18.01
C GLU B 312 -1.09 -23.12 -16.58
N ARG B 313 -0.10 -23.10 -15.70
CA ARG B 313 -0.31 -23.53 -14.32
C ARG B 313 -1.14 -22.55 -13.48
N ILE B 314 -1.21 -21.28 -13.89
CA ILE B 314 -2.08 -20.32 -13.23
C ILE B 314 -3.41 -20.09 -13.94
N PHE B 315 -3.65 -20.81 -15.03
CA PHE B 315 -4.87 -20.63 -15.84
C PHE B 315 -6.16 -20.95 -15.10
N ASN B 316 -6.18 -22.07 -14.38
CA ASN B 316 -7.35 -22.44 -13.60
C ASN B 316 -7.67 -21.39 -12.55
N LYS B 317 -6.65 -21.05 -11.76
CA LYS B 317 -6.75 -20.00 -10.75
C LYS B 317 -7.36 -18.73 -11.33
N ILE B 318 -6.99 -18.40 -12.56
CA ILE B 318 -7.51 -17.21 -13.20
C ILE B 318 -8.96 -17.39 -13.65
N ARG B 319 -9.27 -18.58 -14.15
CA ARG B 319 -10.64 -18.88 -14.55
C ARG B 319 -11.58 -18.78 -13.36
N ASN B 320 -11.06 -19.10 -12.18
CA ASN B 320 -11.87 -19.09 -10.96
C ASN B 320 -11.82 -17.76 -10.19
N LEU B 321 -11.14 -16.77 -10.76
CA LEU B 321 -10.97 -15.48 -10.09
C LEU B 321 -10.35 -15.63 -8.71
N GLU B 322 -9.30 -16.45 -8.61
CA GLU B 322 -8.52 -16.56 -7.38
C GLU B 322 -7.14 -15.95 -7.61
N LEU B 323 -6.53 -15.45 -6.55
CA LEU B 323 -5.16 -14.95 -6.65
C LEU B 323 -4.19 -16.09 -6.84
N PRO B 324 -3.49 -16.14 -7.98
CA PRO B 324 -2.41 -17.13 -8.12
C PRO B 324 -1.29 -16.82 -7.14
N LEU B 325 -0.91 -17.77 -6.30
CA LEU B 325 0.05 -17.46 -5.24
C LEU B 325 1.34 -18.26 -5.40
N CYS B 326 2.47 -17.59 -5.20
CA CYS B 326 3.75 -18.27 -5.22
C CYS B 326 3.89 -19.19 -4.01
N PRO B 327 4.21 -20.47 -4.25
CA PRO B 327 4.39 -21.48 -3.19
C PRO B 327 5.52 -21.12 -2.22
N TYR B 328 6.58 -20.50 -2.71
CA TYR B 328 7.72 -20.18 -1.87
C TYR B 328 7.49 -18.95 -0.98
N CYS B 329 6.67 -18.02 -1.44
CA CYS B 329 6.36 -16.85 -0.65
C CYS B 329 5.15 -17.05 0.27
N TYR B 330 4.41 -18.12 0.06
CA TYR B 330 3.18 -18.38 0.80
C TYR B 330 3.36 -18.37 2.31
N LYS B 331 4.56 -18.74 2.76
CA LYS B 331 4.90 -18.69 4.17
C LYS B 331 4.69 -17.29 4.75
N LYS B 332 5.52 -16.34 4.33
CA LYS B 332 5.47 -14.99 4.87
C LYS B 332 4.16 -14.28 4.54
N ARG B 333 3.59 -14.61 3.40
CA ARG B 333 2.34 -13.98 3.00
C ARG B 333 1.25 -14.24 4.03
N ARG B 334 1.22 -15.48 4.52
CA ARG B 334 0.20 -15.89 5.47
C ARG B 334 0.32 -15.16 6.80
N GLU B 335 1.51 -14.64 7.11
CA GLU B 335 1.67 -13.84 8.33
C GLU B 335 1.10 -12.44 8.13
N TYR B 336 1.29 -11.89 6.94
CA TYR B 336 0.80 -10.54 6.63
C TYR B 336 -0.68 -10.58 6.31
N PHE B 337 -1.12 -11.68 5.72
CA PHE B 337 -2.53 -11.86 5.38
C PHE B 337 -3.07 -13.15 5.98
N PRO B 338 -3.15 -13.22 7.32
CA PRO B 338 -3.55 -14.45 8.02
C PRO B 338 -4.98 -14.91 7.77
N GLU B 339 -5.93 -13.98 7.90
CA GLU B 339 -7.34 -14.30 7.68
C GLU B 339 -7.53 -14.60 6.21
N GLY B 340 -6.57 -14.12 5.43
CA GLY B 340 -6.56 -14.25 3.99
C GLY B 340 -7.06 -12.97 3.35
N TYR B 341 -6.43 -12.63 2.23
CA TYR B 341 -6.87 -11.53 1.40
C TYR B 341 -7.47 -12.24 0.22
N ASN B 342 -8.79 -12.24 0.15
CA ASN B 342 -9.47 -12.93 -0.93
C ASN B 342 -9.51 -12.02 -2.15
N ASN B 343 -10.09 -12.50 -3.23
CA ASN B 343 -10.20 -11.67 -4.41
C ASN B 343 -11.44 -10.78 -4.37
N LYS B 344 -11.21 -9.47 -4.46
CA LYS B 344 -12.26 -8.46 -4.34
C LYS B 344 -11.68 -7.06 -4.56
N VAL B 345 -12.52 -6.09 -4.87
CA VAL B 345 -12.10 -4.69 -4.87
C VAL B 345 -12.55 -3.95 -3.59
N GLY B 346 -13.25 -4.67 -2.71
CA GLY B 346 -13.90 -4.08 -1.54
C GLY B 346 -13.16 -4.26 -0.22
N VAL B 347 -13.93 -4.40 0.86
CA VAL B 347 -13.38 -4.52 2.22
C VAL B 347 -12.50 -5.75 2.46
N ALA B 348 -12.98 -6.91 2.04
CA ALA B 348 -12.25 -8.15 2.29
C ALA B 348 -10.87 -8.16 1.64
N ALA B 349 -10.68 -7.34 0.60
CA ALA B 349 -9.42 -7.33 -0.12
C ALA B 349 -8.63 -6.02 0.02
N SER B 350 -9.06 -4.99 -0.69
CA SER B 350 -8.30 -3.72 -0.72
C SER B 350 -8.06 -3.07 0.66
N GLN B 351 -9.12 -2.82 1.41
CA GLN B 351 -9.00 -2.25 2.75
C GLN B 351 -10.01 -2.92 3.70
N GLY B 352 -9.54 -3.39 4.86
CA GLY B 352 -10.26 -4.37 5.66
C GLY B 352 -9.52 -4.60 6.96
N SER B 353 -9.62 -5.78 7.57
CA SER B 353 -8.70 -6.00 8.68
C SER B 353 -7.47 -6.53 7.99
N MET B 354 -6.62 -5.56 7.71
CA MET B 354 -5.30 -5.66 7.16
C MET B 354 -4.28 -5.38 8.25
N SER B 355 -4.75 -5.35 9.50
CA SER B 355 -3.95 -4.91 10.66
C SER B 355 -2.58 -5.59 10.77
N GLU B 356 -2.45 -6.80 10.24
CA GLU B 356 -1.18 -7.53 10.30
C GLU B 356 -0.29 -7.29 9.08
N ARG B 357 -0.71 -6.38 8.21
CA ARG B 357 0.08 -6.06 7.03
C ARG B 357 0.83 -4.75 7.25
N PRO B 358 2.14 -4.86 7.50
CA PRO B 358 3.03 -3.73 7.78
C PRO B 358 3.16 -2.80 6.57
N PRO B 359 3.59 -1.55 6.79
CA PRO B 359 3.65 -0.52 5.75
C PRO B 359 4.58 -0.88 4.60
N TYR B 360 5.50 -1.80 4.81
CA TYR B 360 6.46 -2.19 3.77
C TYR B 360 5.98 -3.40 2.97
N ILE B 361 4.78 -3.87 3.26
CA ILE B 361 4.21 -5.00 2.54
C ILE B 361 2.95 -4.59 1.77
N LEU B 362 2.92 -4.82 0.47
CA LEU B 362 1.72 -4.54 -0.30
C LEU B 362 0.91 -5.81 -0.57
N ASN B 363 -0.28 -5.62 -1.14
CA ASN B 363 -1.20 -6.73 -1.37
C ASN B 363 -0.65 -7.70 -2.39
N SER B 364 0.29 -7.23 -3.20
CA SER B 364 0.84 -8.04 -4.28
C SER B 364 1.97 -8.93 -3.79
N TYR B 365 2.29 -8.83 -2.50
CA TYR B 365 3.34 -9.67 -1.92
C TYR B 365 3.02 -11.13 -2.20
N GLY B 366 4.00 -11.85 -2.76
CA GLY B 366 3.86 -13.27 -2.98
C GLY B 366 2.87 -13.64 -4.06
N VAL B 367 2.59 -12.69 -4.96
CA VAL B 367 1.65 -12.93 -6.05
C VAL B 367 2.32 -13.16 -7.40
N LEU B 368 1.87 -14.18 -8.11
CA LEU B 368 2.31 -14.45 -9.47
C LEU B 368 1.66 -13.46 -10.43
N LYS B 369 2.38 -13.09 -11.48
CA LYS B 369 1.82 -12.19 -12.50
C LYS B 369 2.24 -12.72 -13.86
N PRO B 370 1.30 -12.72 -14.83
CA PRO B 370 1.64 -13.19 -16.17
C PRO B 370 2.63 -12.26 -16.89
N ASP B 371 3.45 -12.84 -17.77
CA ASP B 371 4.60 -12.14 -18.34
C ASP B 371 4.23 -11.20 -19.48
N ILE B 372 2.94 -10.99 -19.67
CA ILE B 372 2.47 -9.95 -20.55
C ILE B 372 2.89 -8.60 -19.97
N THR B 373 3.03 -7.59 -20.82
CA THR B 373 3.53 -6.28 -20.41
C THR B 373 2.42 -5.34 -20.00
N PHE B 374 2.47 -4.93 -18.72
CA PHE B 374 1.58 -3.92 -18.16
C PHE B 374 2.04 -2.51 -18.47
N PHE B 375 1.13 -1.54 -18.43
CA PHE B 375 1.52 -0.12 -18.55
C PHE B 375 2.45 0.28 -17.42
N GLY B 376 3.60 0.83 -17.76
CA GLY B 376 4.59 1.25 -16.78
C GLY B 376 5.66 0.21 -16.60
N GLU B 377 5.47 -0.93 -17.27
CA GLU B 377 6.37 -2.07 -17.19
C GLU B 377 7.28 -2.10 -18.42
N ALA B 378 8.48 -2.66 -18.28
CA ALA B 378 9.40 -2.75 -19.41
C ALA B 378 8.98 -3.84 -20.39
N LEU B 379 9.11 -3.56 -21.68
CA LEU B 379 8.82 -4.56 -22.72
C LEU B 379 9.87 -5.66 -22.65
N PRO B 380 9.58 -6.82 -23.26
CA PRO B 380 10.60 -7.88 -23.34
C PRO B 380 11.91 -7.37 -23.98
N ASN B 381 13.06 -7.81 -23.48
CA ASN B 381 14.33 -7.44 -24.08
C ASN B 381 14.38 -7.72 -25.59
N LYS B 382 13.77 -8.83 -26.00
CA LYS B 382 13.77 -9.23 -27.40
C LYS B 382 13.29 -8.11 -28.30
N PHE B 383 12.34 -7.32 -27.82
CA PHE B 383 11.85 -6.18 -28.58
C PHE B 383 12.98 -5.21 -28.89
N HIS B 384 13.63 -4.71 -27.85
CA HIS B 384 14.73 -3.76 -28.01
C HIS B 384 15.86 -4.32 -28.90
N LYS B 385 16.21 -5.59 -28.72
CA LYS B 385 17.28 -6.18 -29.49
C LYS B 385 16.90 -6.19 -30.96
N SER B 386 15.64 -6.53 -31.23
CA SER B 386 15.16 -6.70 -32.59
C SER B 386 15.02 -5.37 -33.33
N ILE B 387 14.44 -4.37 -32.69
CA ILE B 387 14.25 -3.07 -33.32
C ILE B 387 15.59 -2.48 -33.79
N ARG B 388 16.64 -2.71 -33.01
CA ARG B 388 17.94 -2.09 -33.29
C ARG B 388 18.58 -2.65 -34.55
N GLU B 389 18.30 -3.92 -34.85
CA GLU B 389 18.82 -4.55 -36.05
C GLU B 389 17.83 -4.57 -37.22
N ASP B 390 16.61 -4.08 -36.98
CA ASP B 390 15.53 -4.20 -37.95
C ASP B 390 15.18 -2.92 -38.70
N ILE B 391 14.87 -1.87 -37.96
CA ILE B 391 14.36 -0.61 -38.51
C ILE B 391 15.12 -0.07 -39.73
N LEU B 392 16.45 -0.03 -39.65
CA LEU B 392 17.28 0.47 -40.75
C LEU B 392 17.29 -0.46 -41.97
N GLU B 393 17.22 -1.76 -41.72
CA GLU B 393 17.40 -2.77 -42.76
C GLU B 393 16.09 -3.11 -43.50
N CYS B 394 15.02 -2.40 -43.20
CA CYS B 394 13.70 -2.76 -43.72
C CYS B 394 13.28 -1.92 -44.93
N ASP B 395 12.76 -2.57 -45.97
CA ASP B 395 12.29 -1.83 -47.15
C ASP B 395 10.78 -1.58 -47.29
N LEU B 396 9.98 -2.12 -46.37
CA LEU B 396 8.54 -1.89 -46.42
C LEU B 396 7.91 -2.01 -45.03
N LEU B 397 6.89 -1.21 -44.76
CA LEU B 397 6.20 -1.26 -43.48
C LEU B 397 4.70 -1.36 -43.67
N ILE B 398 4.11 -2.43 -43.16
CA ILE B 398 2.66 -2.59 -43.16
C ILE B 398 2.12 -2.61 -41.74
N CYS B 399 1.14 -1.75 -41.45
CA CYS B 399 0.46 -1.77 -40.15
C CYS B 399 -0.97 -2.32 -40.26
N ILE B 400 -1.24 -3.37 -39.48
CA ILE B 400 -2.53 -4.04 -39.57
C ILE B 400 -3.28 -4.12 -38.23
N GLY B 401 -4.45 -3.51 -38.18
CA GLY B 401 -5.37 -3.71 -37.08
C GLY B 401 -4.91 -3.14 -35.75
N THR B 402 -4.33 -1.94 -35.79
CA THR B 402 -3.94 -1.28 -34.56
C THR B 402 -4.22 0.20 -34.66
N SER B 403 -4.66 0.80 -33.56
CA SER B 403 -4.92 2.24 -33.52
C SER B 403 -3.63 3.01 -33.39
N LEU B 404 -2.54 2.28 -33.11
CA LEU B 404 -1.20 2.85 -32.94
C LEU B 404 -1.08 3.88 -31.81
N LYS B 405 -1.76 3.64 -30.70
CA LYS B 405 -1.75 4.59 -29.57
C LYS B 405 -0.70 4.32 -28.46
N VAL B 406 -0.05 3.18 -28.52
CA VAL B 406 0.72 2.70 -27.36
C VAL B 406 2.21 2.57 -27.65
N ALA B 407 3.01 3.41 -27.00
CA ALA B 407 4.44 3.46 -27.22
C ALA B 407 5.16 2.46 -26.32
N PRO B 408 6.40 2.11 -26.64
CA PRO B 408 7.24 2.48 -27.80
C PRO B 408 6.86 1.86 -29.17
N VAL B 409 6.04 0.81 -29.19
CA VAL B 409 5.66 0.13 -30.44
C VAL B 409 5.19 1.09 -31.53
N SER B 410 4.38 2.07 -31.15
CA SER B 410 3.85 3.06 -32.08
C SER B 410 4.96 3.89 -32.71
N GLU B 411 6.04 4.11 -31.96
CA GLU B 411 7.16 4.92 -32.42
C GLU B 411 7.99 4.24 -33.53
N ILE B 412 7.73 2.96 -33.79
CA ILE B 412 8.31 2.28 -34.94
C ILE B 412 8.02 3.11 -36.20
N VAL B 413 6.81 3.63 -36.26
CA VAL B 413 6.36 4.42 -37.39
C VAL B 413 7.16 5.72 -37.53
N ASN B 414 7.66 6.25 -36.40
CA ASN B 414 8.46 7.48 -36.40
C ASN B 414 9.98 7.30 -36.55
N MET B 415 10.46 6.08 -36.33
CA MET B 415 11.91 5.84 -36.32
C MET B 415 12.48 5.24 -37.61
N VAL B 416 11.60 4.98 -38.57
CA VAL B 416 11.97 4.30 -39.80
C VAL B 416 12.47 5.28 -40.87
N PRO B 417 13.47 4.84 -41.67
CA PRO B 417 14.04 5.64 -42.76
C PRO B 417 13.01 6.27 -43.68
N SER B 418 13.32 7.47 -44.17
CA SER B 418 12.36 8.32 -44.89
C SER B 418 11.82 7.75 -46.19
N HIS B 419 12.60 6.93 -46.87
CA HIS B 419 12.24 6.41 -48.18
C HIS B 419 11.29 5.21 -48.10
N VAL B 420 11.28 4.54 -46.96
CA VAL B 420 10.47 3.35 -46.76
C VAL B 420 8.97 3.63 -46.84
N PRO B 421 8.27 2.98 -47.78
CA PRO B 421 6.83 3.14 -47.92
C PRO B 421 6.08 2.64 -46.68
N GLN B 422 5.06 3.38 -46.27
CA GLN B 422 4.26 2.96 -45.13
C GLN B 422 2.82 2.71 -45.56
N VAL B 423 2.32 1.52 -45.23
CA VAL B 423 0.98 1.11 -45.61
C VAL B 423 0.13 0.74 -44.38
N LEU B 424 -1.10 1.24 -44.34
CA LEU B 424 -2.05 0.94 -43.27
C LEU B 424 -3.25 0.08 -43.70
N ILE B 425 -3.47 -1.04 -43.02
CA ILE B 425 -4.67 -1.86 -43.20
C ILE B 425 -5.45 -1.88 -41.88
N ASN B 426 -6.66 -1.33 -41.89
CA ASN B 426 -7.39 -1.11 -40.65
C ASN B 426 -8.80 -0.61 -40.95
N ARG B 427 -9.71 -0.77 -39.99
CA ARG B 427 -11.08 -0.33 -40.20
C ARG B 427 -11.23 1.17 -40.00
N ASP B 428 -10.17 1.80 -39.50
CA ASP B 428 -10.19 3.23 -39.23
C ASP B 428 -8.89 3.87 -39.71
N PRO B 429 -8.96 5.15 -40.09
CA PRO B 429 -7.70 5.85 -40.39
C PRO B 429 -6.92 6.08 -39.11
N VAL B 430 -5.61 6.18 -39.21
CA VAL B 430 -4.81 6.63 -38.09
C VAL B 430 -4.39 8.07 -38.35
N LYS B 431 -5.00 9.00 -37.62
CA LYS B 431 -4.87 10.40 -37.96
C LYS B 431 -3.54 11.02 -37.56
N HIS B 432 -2.90 10.49 -36.53
CA HIS B 432 -1.64 11.08 -36.07
C HIS B 432 -0.42 10.56 -36.83
N ALA B 433 -0.66 9.70 -37.81
CA ALA B 433 0.41 9.15 -38.61
C ALA B 433 0.23 9.51 -40.08
N GLU B 434 1.34 9.63 -40.81
CA GLU B 434 1.25 9.89 -42.24
C GLU B 434 1.52 8.61 -43.00
N PHE B 435 0.46 8.00 -43.51
CA PHE B 435 0.58 6.74 -44.21
C PHE B 435 0.48 7.00 -45.72
N ASP B 436 1.44 6.46 -46.47
CA ASP B 436 1.44 6.61 -47.91
C ASP B 436 0.16 6.06 -48.49
N LEU B 437 -0.26 4.92 -47.96
CA LEU B 437 -1.46 4.28 -48.44
C LEU B 437 -2.23 3.67 -47.29
N SER B 438 -3.52 3.96 -47.23
CA SER B 438 -4.38 3.45 -46.19
C SER B 438 -5.60 2.75 -46.77
N LEU B 439 -5.69 1.43 -46.57
CA LEU B 439 -6.85 0.69 -47.03
C LEU B 439 -7.77 0.46 -45.85
N LEU B 440 -8.91 1.14 -45.86
CA LEU B 440 -9.86 1.12 -44.75
C LEU B 440 -10.89 0.01 -44.92
N GLY B 441 -10.97 -0.86 -43.92
CA GLY B 441 -11.93 -1.95 -43.94
C GLY B 441 -11.42 -3.20 -43.26
N TYR B 442 -12.16 -4.28 -43.38
CA TYR B 442 -11.84 -5.53 -42.69
C TYR B 442 -10.57 -6.14 -43.25
N CYS B 443 -9.64 -6.45 -42.36
CA CYS B 443 -8.31 -6.88 -42.79
C CYS B 443 -8.29 -8.29 -43.43
N ASP B 444 -9.35 -9.06 -43.23
CA ASP B 444 -9.45 -10.36 -43.90
C ASP B 444 -9.89 -10.18 -45.37
N ASP B 445 -10.86 -9.30 -45.58
CA ASP B 445 -11.23 -8.91 -46.94
C ASP B 445 -10.01 -8.36 -47.65
N ILE B 446 -9.41 -7.33 -47.06
CA ILE B 446 -8.27 -6.64 -47.65
C ILE B 446 -7.09 -7.58 -47.91
N ALA B 447 -6.94 -8.62 -47.10
CA ALA B 447 -5.88 -9.60 -47.34
C ALA B 447 -6.16 -10.44 -48.58
N ALA B 448 -7.39 -10.91 -48.71
CA ALA B 448 -7.81 -11.73 -49.85
C ALA B 448 -7.66 -10.95 -51.14
N MET B 449 -8.18 -9.73 -51.16
CA MET B 449 -8.11 -8.88 -52.34
C MET B 449 -6.67 -8.70 -52.81
N VAL B 450 -5.78 -8.35 -51.90
CA VAL B 450 -4.39 -8.13 -52.27
C VAL B 450 -3.72 -9.42 -52.74
N ALA B 451 -4.02 -10.52 -52.07
CA ALA B 451 -3.44 -11.80 -52.44
C ALA B 451 -3.87 -12.22 -53.85
N GLN B 452 -5.07 -11.84 -54.24
CA GLN B 452 -5.55 -12.08 -55.61
C GLN B 452 -4.66 -11.34 -56.60
N LYS B 453 -4.54 -10.03 -56.41
CA LYS B 453 -3.82 -9.16 -57.32
C LYS B 453 -2.34 -9.49 -57.48
N CYS B 454 -1.80 -10.29 -56.56
CA CYS B 454 -0.42 -10.70 -56.70
C CYS B 454 -0.36 -12.06 -57.37
N GLY B 455 -1.54 -12.64 -57.61
CA GLY B 455 -1.63 -14.00 -58.07
C GLY B 455 -1.06 -14.93 -57.02
N TRP B 456 -1.46 -14.70 -55.77
CA TRP B 456 -0.89 -15.40 -54.63
C TRP B 456 -1.89 -16.29 -53.92
N THR B 457 -1.38 -17.31 -53.24
CA THR B 457 -2.23 -18.24 -52.51
C THR B 457 -2.00 -18.20 -50.99
N ILE B 458 -3.03 -17.77 -50.27
CA ILE B 458 -3.00 -17.76 -48.81
C ILE B 458 -3.20 -19.17 -48.28
N PRO B 459 -2.29 -19.63 -47.42
CA PRO B 459 -2.39 -20.97 -46.84
C PRO B 459 -3.39 -21.05 -45.67
N HIS B 460 -4.66 -20.78 -45.98
CA HIS B 460 -5.74 -20.87 -45.00
C HIS B 460 -6.87 -21.74 -45.52
N LYS B 461 -7.60 -22.37 -44.61
CA LYS B 461 -8.75 -23.18 -44.96
C LYS B 461 -9.78 -22.37 -45.75
N LYS B 462 -9.94 -21.11 -45.39
CA LYS B 462 -10.98 -20.26 -45.95
C LYS B 462 -10.55 -19.64 -47.28
N TRP B 463 -9.35 -20.00 -47.75
CA TRP B 463 -8.84 -19.47 -49.00
C TRP B 463 -9.67 -19.93 -50.20
N ASN B 464 -9.91 -21.23 -50.30
CA ASN B 464 -10.63 -21.83 -51.43
C ASN B 464 -11.98 -21.15 -51.68
N ASP B 465 -12.60 -20.67 -50.60
CA ASP B 465 -13.82 -19.91 -50.72
C ASP B 465 -13.54 -18.43 -51.02
N LEU B 466 -12.46 -17.90 -50.45
CA LEU B 466 -12.15 -16.47 -50.58
C LEU B 466 -11.53 -16.09 -51.91
N LYS B 467 -10.72 -16.98 -52.47
CA LYS B 467 -9.97 -16.67 -53.69
C LYS B 467 -10.85 -16.19 -54.85
N ASN B 468 -12.10 -16.65 -54.89
CA ASN B 468 -13.04 -16.15 -55.90
C ASN B 468 -13.93 -15.00 -55.47
N LYS B 469 -13.92 -14.68 -54.18
CA LYS B 469 -14.74 -13.59 -53.67
C LYS B 469 -14.27 -12.25 -54.23
N ASN B 470 -15.22 -11.42 -54.65
CA ASN B 470 -14.87 -10.16 -55.30
C ASN B 470 -15.08 -8.94 -54.40
N PHE B 471 -14.12 -8.02 -54.45
CA PHE B 471 -14.14 -6.86 -53.56
C PHE B 471 -14.15 -5.55 -54.35
N LYS B 472 -14.76 -4.53 -53.77
CA LYS B 472 -14.79 -3.20 -54.36
C LYS B 472 -13.82 -2.27 -53.65
N SER B 473 -12.97 -1.58 -54.42
CA SER B 473 -12.07 -0.58 -53.86
C SER B 473 -12.48 0.81 -54.30
N GLN B 474 -13.01 1.58 -53.35
CA GLN B 474 -13.43 2.95 -53.63
C GLN B 474 -12.47 3.95 -53.02
N GLU B 475 -11.88 4.79 -53.87
CA GLU B 475 -10.91 5.77 -53.40
C GLU B 475 -11.61 7.00 -52.81
N LYS B 476 -11.43 7.26 -51.52
CA LYS B 476 -12.05 8.41 -50.90
C LYS B 476 -11.14 9.64 -50.84
N ASP B 477 -9.85 9.42 -51.07
CA ASP B 477 -8.87 10.49 -51.16
C ASP B 477 -7.58 9.89 -51.69
N LYS B 478 -6.56 10.71 -51.90
CA LYS B 478 -5.31 10.19 -52.43
C LYS B 478 -4.63 9.32 -51.37
N GLY B 479 -4.35 8.09 -51.74
CA GLY B 479 -3.75 7.13 -50.82
C GLY B 479 -4.73 6.52 -49.83
N VAL B 480 -6.02 6.79 -50.03
CA VAL B 480 -7.06 6.27 -49.15
C VAL B 480 -8.12 5.51 -49.96
N TYR B 481 -8.37 4.27 -49.56
CA TYR B 481 -9.33 3.40 -50.25
C TYR B 481 -10.21 2.65 -49.26
N VAL B 482 -11.51 2.55 -49.57
CA VAL B 482 -12.42 1.78 -48.75
C VAL B 482 -12.72 0.44 -49.41
N VAL B 483 -12.21 -0.65 -48.85
CA VAL B 483 -12.35 -1.96 -49.45
C VAL B 483 -13.47 -2.77 -48.83
N THR B 484 -14.45 -3.17 -49.64
CA THR B 484 -15.63 -3.88 -49.15
C THR B 484 -15.95 -5.14 -49.94
N SER B 485 -17.07 -5.77 -49.59
CA SER B 485 -17.55 -6.96 -50.28
C SER B 485 -18.89 -6.70 -50.98
N THR C 8 3.32 -8.55 17.08
CA THR C 8 3.49 -8.37 18.52
C THR C 8 4.85 -7.74 18.83
N HIS C 9 4.95 -6.43 18.66
CA HIS C 9 6.20 -5.70 18.89
C HIS C 9 6.33 -5.30 20.36
N PRO C 10 7.56 -5.29 20.88
CA PRO C 10 7.73 -5.03 22.31
C PRO C 10 7.57 -3.55 22.66
N GLY C 11 6.98 -3.29 23.83
CA GLY C 11 6.78 -1.93 24.29
C GLY C 11 5.84 -1.12 23.43
N LYS C 12 4.99 -1.81 22.67
CA LYS C 12 4.06 -1.16 21.76
C LYS C 12 2.63 -1.38 22.20
N MET C 13 1.79 -0.37 21.95
CA MET C 13 0.40 -0.44 22.37
C MET C 13 -0.25 -1.60 21.64
N GLU C 14 -0.87 -2.50 22.40
CA GLU C 14 -1.41 -3.71 21.81
C GLU C 14 -2.62 -4.16 22.61
N LEU C 15 -3.63 -4.68 21.94
CA LEU C 15 -4.76 -5.20 22.65
C LEU C 15 -4.34 -6.57 23.16
N VAL C 16 -4.33 -6.73 24.47
CA VAL C 16 -3.90 -7.98 25.06
C VAL C 16 -5.04 -8.99 25.05
N TYR C 17 -6.27 -8.46 25.02
CA TYR C 17 -7.47 -9.28 25.04
C TYR C 17 -8.72 -8.44 24.76
N ARG C 73 5.54 -21.45 19.99
CA ARG C 73 4.87 -22.61 20.58
C ARG C 73 5.60 -23.89 20.21
N LYS C 74 6.73 -23.75 19.53
CA LYS C 74 7.59 -24.91 19.22
C LYS C 74 8.12 -25.50 20.50
N SER C 75 8.16 -24.68 21.55
CA SER C 75 8.65 -25.09 22.86
C SER C 75 7.83 -26.23 23.44
N ASP C 76 6.53 -26.23 23.13
CA ASP C 76 5.65 -27.30 23.57
C ASP C 76 6.17 -28.67 23.12
N ARG C 77 6.23 -28.88 21.81
CA ARG C 77 6.74 -30.15 21.29
C ARG C 77 8.19 -30.40 21.71
N GLU C 78 8.92 -29.32 21.97
CA GLU C 78 10.27 -29.43 22.47
C GLU C 78 10.28 -30.15 23.82
N LEU C 79 9.28 -29.85 24.64
CA LEU C 79 9.17 -30.49 25.96
C LEU C 79 8.81 -31.96 25.81
N THR C 80 7.76 -32.26 25.05
CA THR C 80 7.34 -33.63 24.80
C THR C 80 8.52 -34.47 24.31
N LYS C 81 9.33 -33.89 23.43
CA LYS C 81 10.53 -34.54 22.93
C LYS C 81 11.52 -34.70 24.06
N ASN C 82 11.80 -33.62 24.78
CA ASN C 82 12.79 -33.60 25.84
C ASN C 82 12.50 -34.54 27.02
N ILE C 83 11.22 -34.75 27.33
CA ILE C 83 10.80 -35.67 28.40
C ILE C 83 10.92 -37.12 27.95
N LEU C 84 10.22 -37.47 26.87
CA LEU C 84 10.23 -38.82 26.32
C LEU C 84 11.64 -39.38 26.16
N TRP C 85 12.61 -38.49 26.00
CA TRP C 85 14.01 -38.90 25.87
C TRP C 85 14.61 -39.39 27.18
N ARG C 86 14.49 -38.57 28.22
CA ARG C 86 15.08 -38.91 29.51
C ARG C 86 14.28 -40.02 30.21
N ILE C 87 13.03 -40.18 29.79
CA ILE C 87 12.14 -41.19 30.37
C ILE C 87 12.21 -42.62 29.83
N ALA C 88 12.20 -42.78 28.52
CA ALA C 88 11.88 -44.08 27.90
C ALA C 88 12.77 -45.26 28.30
N ASP C 89 14.02 -44.97 28.67
CA ASP C 89 14.96 -46.02 29.03
C ASP C 89 14.82 -46.47 30.49
N LYS C 90 13.86 -45.89 31.21
CA LYS C 90 13.70 -46.19 32.64
C LYS C 90 12.24 -46.43 33.07
N THR C 91 12.02 -47.48 33.85
CA THR C 91 10.71 -47.73 34.47
C THR C 91 10.66 -47.27 35.93
N THR C 92 11.76 -46.68 36.41
CA THR C 92 11.75 -46.02 37.72
C THR C 92 12.33 -44.60 37.61
N TYR C 93 11.46 -43.60 37.79
CA TYR C 93 11.85 -42.20 37.70
C TYR C 93 12.53 -41.73 38.99
N ASP C 94 13.31 -40.67 38.90
CA ASP C 94 14.12 -40.19 40.02
C ASP C 94 13.59 -38.85 40.54
N LYS C 95 14.18 -38.35 41.63
CA LYS C 95 13.84 -37.06 42.18
C LYS C 95 14.41 -35.98 41.28
N GLU C 96 15.74 -35.88 41.28
CA GLU C 96 16.47 -34.89 40.50
C GLU C 96 16.10 -34.97 39.02
N THR C 97 15.71 -36.16 38.58
CA THR C 97 15.16 -36.33 37.23
C THR C 97 13.89 -35.51 37.03
N ILE C 98 12.82 -35.90 37.72
CA ILE C 98 11.51 -35.24 37.55
C ILE C 98 11.52 -33.75 37.92
N THR C 99 12.24 -33.37 38.96
CA THR C 99 12.34 -31.95 39.31
C THR C 99 12.88 -31.19 38.12
N ASP C 100 14.05 -31.62 37.64
CA ASP C 100 14.70 -30.98 36.50
C ASP C 100 13.83 -31.08 35.24
N LEU C 101 12.97 -32.10 35.20
CA LEU C 101 12.05 -32.24 34.09
C LEU C 101 10.93 -31.20 34.17
N ILE C 102 10.50 -30.88 35.39
CA ILE C 102 9.48 -29.86 35.60
C ILE C 102 10.07 -28.46 35.41
N GLU C 103 11.19 -28.20 36.06
CA GLU C 103 11.77 -26.86 36.16
C GLU C 103 12.15 -26.23 34.82
N GLN C 104 12.21 -27.03 33.77
CA GLN C 104 12.60 -26.50 32.46
C GLN C 104 11.38 -26.02 31.66
N GLY C 105 10.19 -26.17 32.23
CA GLY C 105 8.99 -25.65 31.63
C GLY C 105 8.49 -24.41 32.36
N ILE C 106 9.30 -23.95 33.31
CA ILE C 106 8.95 -22.79 34.11
C ILE C 106 9.94 -21.64 33.86
N PRO C 107 9.42 -20.48 33.43
CA PRO C 107 10.21 -19.27 33.17
C PRO C 107 11.05 -18.81 34.36
N LYS C 108 12.15 -18.11 34.09
CA LYS C 108 12.96 -17.51 35.14
C LYS C 108 12.08 -16.65 36.03
N HIS C 109 12.30 -16.74 37.34
CA HIS C 109 11.49 -15.98 38.29
C HIS C 109 12.20 -15.77 39.61
N SER C 110 11.86 -14.69 40.31
CA SER C 110 12.35 -14.48 41.66
C SER C 110 11.25 -14.72 42.68
N TYR C 111 11.60 -14.66 43.95
CA TYR C 111 10.65 -14.97 45.02
C TYR C 111 10.81 -14.05 46.21
N LEU C 112 9.80 -14.04 47.07
CA LEU C 112 9.69 -13.02 48.13
C LEU C 112 10.83 -12.98 49.16
N SER C 113 11.42 -14.14 49.45
CA SER C 113 12.58 -14.19 50.34
C SER C 113 13.78 -13.51 49.70
N GLY C 114 14.08 -13.89 48.46
CA GLY C 114 15.17 -13.31 47.69
C GLY C 114 15.00 -11.82 47.43
N ASN C 115 13.77 -11.35 47.55
CA ASN C 115 13.46 -9.93 47.41
C ASN C 115 11.98 -9.68 47.71
N PRO C 116 11.71 -8.73 48.61
CA PRO C 116 10.36 -8.29 49.01
C PRO C 116 9.70 -7.44 47.93
N LEU C 117 10.54 -6.90 47.04
CA LEU C 117 10.09 -6.01 45.98
C LEU C 117 9.69 -6.80 44.73
N THR C 118 9.69 -8.11 44.86
CA THR C 118 9.19 -9.01 43.82
C THR C 118 7.75 -8.63 43.42
N SER C 119 7.50 -8.63 42.12
CA SER C 119 6.19 -8.29 41.56
C SER C 119 5.15 -9.37 41.83
N VAL C 120 3.89 -9.02 41.69
CA VAL C 120 2.79 -9.96 41.92
C VAL C 120 2.82 -11.15 40.97
N THR C 121 3.50 -11.00 39.84
CA THR C 121 3.70 -12.10 38.89
C THR C 121 5.04 -12.79 39.11
N ASN C 122 5.71 -12.43 40.21
CA ASN C 122 7.02 -13.00 40.55
C ASN C 122 8.12 -12.58 39.58
N ASP C 123 8.06 -11.33 39.14
CA ASP C 123 9.05 -10.76 38.22
C ASP C 123 9.13 -11.54 36.91
N ILE C 124 8.07 -12.28 36.62
CA ILE C 124 7.91 -12.89 35.30
C ILE C 124 7.43 -11.76 34.42
N CYS C 125 6.63 -10.88 35.02
CA CYS C 125 6.42 -9.54 34.48
C CYS C 125 6.88 -8.54 35.55
N SER C 126 7.98 -7.86 35.29
CA SER C 126 8.54 -6.93 36.26
C SER C 126 8.88 -5.62 35.57
N VAL C 127 9.39 -4.67 36.33
CA VAL C 127 9.71 -3.36 35.78
C VAL C 127 10.74 -3.46 34.65
N GLU C 128 11.57 -4.50 34.69
CA GLU C 128 12.59 -4.71 33.68
C GLU C 128 12.13 -5.44 32.40
N ASN C 129 11.34 -6.48 32.57
CA ASN C 129 10.88 -7.30 31.44
C ASN C 129 9.46 -7.06 30.88
N TYR C 130 8.74 -6.08 31.41
CA TYR C 130 7.30 -5.94 31.12
C TYR C 130 6.92 -5.89 29.65
N GLU C 131 7.82 -5.40 28.81
CA GLU C 131 7.56 -5.29 27.38
C GLU C 131 7.47 -6.66 26.69
N THR C 132 8.23 -7.63 27.20
CA THR C 132 8.23 -9.00 26.69
C THR C 132 7.33 -9.92 27.51
N SER C 133 6.59 -9.34 28.46
CA SER C 133 5.87 -10.11 29.48
C SER C 133 4.99 -11.22 28.90
N SER C 134 5.21 -12.43 29.40
CA SER C 134 4.38 -13.57 29.04
C SER C 134 3.35 -13.82 30.13
N ALA C 135 3.41 -13.01 31.18
CA ALA C 135 2.56 -13.20 32.35
C ALA C 135 1.08 -13.21 32.00
N PHE C 136 0.67 -12.34 31.09
CA PHE C 136 -0.70 -12.30 30.61
C PHE C 136 -1.13 -13.66 30.04
N PHE C 137 -0.18 -14.39 29.47
CA PHE C 137 -0.49 -15.64 28.79
C PHE C 137 -0.69 -16.79 29.77
N TYR C 138 0.17 -16.85 30.78
CA TYR C 138 0.12 -17.91 31.78
C TYR C 138 -1.07 -17.73 32.72
N GLN C 139 -1.36 -16.49 33.08
CA GLN C 139 -2.40 -16.22 34.06
C GLN C 139 -3.78 -16.37 33.47
N GLN C 140 -3.85 -16.51 32.15
CA GLN C 140 -5.12 -16.80 31.51
C GLN C 140 -5.19 -18.28 31.16
N VAL C 141 -6.02 -19.01 31.89
CA VAL C 141 -6.37 -20.37 31.50
C VAL C 141 -7.88 -20.44 31.34
N HIS C 142 -8.31 -20.54 30.08
CA HIS C 142 -9.73 -20.51 29.75
C HIS C 142 -10.43 -21.83 30.04
N LYS C 143 -11.75 -21.77 30.15
CA LYS C 143 -12.59 -22.94 30.33
C LYS C 143 -12.33 -24.02 29.27
N LYS C 144 -11.88 -23.58 28.09
CA LYS C 144 -11.50 -24.48 27.01
C LYS C 144 -10.27 -25.31 27.37
N ASP C 145 -9.39 -24.73 28.18
CA ASP C 145 -8.13 -25.38 28.51
C ASP C 145 -8.30 -26.65 29.36
N ARG C 146 -7.25 -27.47 29.33
CA ARG C 146 -7.21 -28.72 30.07
C ARG C 146 -7.49 -28.57 31.56
N LEU C 147 -6.74 -27.69 32.23
CA LEU C 147 -6.85 -27.55 33.67
C LEU C 147 -8.04 -26.70 34.09
N GLN C 148 -8.57 -27.03 35.27
CA GLN C 148 -9.56 -26.19 35.91
C GLN C 148 -8.95 -25.52 37.14
N TYR C 149 -9.14 -24.21 37.24
CA TYR C 149 -8.52 -23.40 38.27
C TYR C 149 -9.51 -23.09 39.38
N LEU C 150 -9.14 -23.42 40.61
CA LEU C 150 -9.97 -23.14 41.77
C LEU C 150 -9.51 -21.88 42.48
N PRO C 151 -10.32 -20.81 42.39
CA PRO C 151 -10.00 -19.57 43.10
C PRO C 151 -10.04 -19.79 44.61
N LEU C 152 -8.98 -19.35 45.29
CA LEU C 152 -8.89 -19.50 46.73
C LEU C 152 -8.53 -18.17 47.39
N TYR C 153 -9.45 -17.66 48.20
CA TYR C 153 -9.20 -16.43 48.93
C TYR C 153 -9.72 -16.54 50.35
N ALA C 154 -8.86 -16.25 51.31
CA ALA C 154 -9.25 -16.22 52.71
C ALA C 154 -9.02 -14.83 53.30
N VAL C 155 -9.94 -14.39 54.13
CA VAL C 155 -9.83 -13.08 54.76
C VAL C 155 -9.65 -13.23 56.25
N SER C 156 -9.05 -12.23 56.89
CA SER C 156 -8.98 -12.18 58.34
C SER C 156 -10.06 -11.23 58.76
N THR C 157 -11.15 -11.75 59.31
CA THR C 157 -12.29 -10.90 59.61
C THR C 157 -12.84 -11.10 61.01
N PHE C 158 -13.44 -10.05 61.53
CA PHE C 158 -14.02 -10.05 62.87
C PHE C 158 -15.52 -10.36 62.83
N GLU C 159 -16.03 -10.67 61.64
CA GLU C 159 -17.43 -11.03 61.45
C GLU C 159 -17.90 -12.07 62.45
N HIS D 9 8.69 6.87 -17.77
CA HIS D 9 9.94 6.14 -17.70
C HIS D 9 10.37 5.59 -19.07
N PRO D 10 11.62 5.86 -19.46
CA PRO D 10 12.17 5.51 -20.77
C PRO D 10 12.02 4.03 -21.11
N GLY D 11 11.57 3.74 -22.33
CA GLY D 11 11.48 2.38 -22.85
C GLY D 11 10.44 1.50 -22.19
N LYS D 12 9.49 2.14 -21.48
CA LYS D 12 8.45 1.42 -20.79
C LYS D 12 7.14 1.58 -21.53
N MET D 13 6.28 0.56 -21.48
CA MET D 13 4.99 0.62 -22.17
C MET D 13 4.14 1.77 -21.66
N GLU D 14 3.71 2.65 -22.56
CA GLU D 14 2.89 3.77 -22.13
C GLU D 14 1.91 4.26 -23.21
N LEU D 15 0.72 4.69 -22.75
CA LEU D 15 -0.27 5.24 -23.66
C LEU D 15 0.15 6.66 -24.02
N VAL D 16 0.24 6.96 -25.30
CA VAL D 16 0.60 8.30 -25.76
C VAL D 16 -0.57 9.27 -25.81
N TYR D 17 -1.70 8.79 -26.32
CA TYR D 17 -2.87 9.64 -26.55
C TYR D 17 -4.11 9.07 -25.87
N ASP D 71 10.54 16.04 -20.31
CA ASP D 71 9.25 16.73 -20.30
C ASP D 71 9.19 17.86 -19.27
N TRP D 72 9.76 19.00 -19.63
CA TRP D 72 9.71 20.19 -18.79
C TRP D 72 9.32 21.42 -19.60
N ARG D 73 8.18 22.03 -19.25
CA ARG D 73 7.67 23.19 -19.97
C ARG D 73 8.34 24.47 -19.46
N LYS D 74 9.29 24.29 -18.55
CA LYS D 74 10.03 25.42 -17.97
C LYS D 74 11.21 25.84 -18.83
N SER D 75 11.39 25.20 -19.99
CA SER D 75 12.35 25.72 -20.96
C SER D 75 11.68 26.81 -21.79
N ASP D 76 10.36 26.84 -21.78
CA ASP D 76 9.61 27.92 -22.42
C ASP D 76 9.92 29.24 -21.75
N ARG D 77 9.88 29.25 -20.42
CA ARG D 77 10.24 30.42 -19.64
C ARG D 77 11.73 30.73 -19.82
N GLU D 78 12.51 29.68 -20.07
CA GLU D 78 13.93 29.81 -20.32
C GLU D 78 14.20 30.55 -21.63
N LEU D 79 13.42 30.22 -22.65
CA LEU D 79 13.56 30.87 -23.95
C LEU D 79 13.16 32.33 -23.88
N THR D 80 11.95 32.59 -23.35
CA THR D 80 11.47 33.96 -23.20
C THR D 80 12.50 34.83 -22.49
N LYS D 81 13.13 34.26 -21.46
CA LYS D 81 14.19 34.94 -20.74
C LYS D 81 15.40 35.12 -21.66
N ASN D 82 15.81 34.04 -22.31
CA ASN D 82 17.01 34.05 -23.13
C ASN D 82 16.93 35.01 -24.33
N ILE D 83 15.73 35.15 -24.91
CA ILE D 83 15.55 36.07 -26.04
C ILE D 83 15.53 37.54 -25.60
N LEU D 84 14.66 37.84 -24.63
CA LEU D 84 14.50 39.20 -24.13
C LEU D 84 15.84 39.78 -23.69
N TRP D 85 16.77 38.90 -23.33
CA TRP D 85 18.11 39.32 -22.93
C TRP D 85 18.94 39.84 -24.11
N ARG D 86 19.05 39.02 -25.16
CA ARG D 86 19.88 39.38 -26.29
C ARG D 86 19.22 40.47 -27.14
N ILE D 87 17.94 40.70 -26.89
CA ILE D 87 17.12 41.63 -27.66
C ILE D 87 17.07 43.07 -27.14
N ALA D 88 16.62 43.24 -25.90
CA ALA D 88 16.25 44.55 -25.37
C ALA D 88 17.22 45.72 -25.59
N ASP D 89 18.52 45.45 -25.64
CA ASP D 89 19.51 46.51 -25.81
C ASP D 89 19.67 46.96 -27.26
N LYS D 90 18.92 46.33 -28.17
CA LYS D 90 19.03 46.67 -29.59
C LYS D 90 17.66 46.78 -30.28
N THR D 91 17.48 47.86 -31.02
CA THR D 91 16.27 48.03 -31.85
C THR D 91 16.54 47.63 -33.31
N THR D 92 17.73 47.11 -33.57
CA THR D 92 18.03 46.51 -34.87
C THR D 92 18.65 45.11 -34.76
N TYR D 93 17.90 44.11 -35.20
CA TYR D 93 18.29 42.71 -35.04
C TYR D 93 19.22 42.22 -36.15
N ASP D 94 20.14 41.33 -35.79
CA ASP D 94 21.13 40.80 -36.72
C ASP D 94 20.68 39.44 -37.31
N LYS D 95 21.45 38.90 -38.25
CA LYS D 95 21.16 37.59 -38.81
C LYS D 95 21.65 36.48 -37.87
N GLU D 96 22.96 36.45 -37.63
CA GLU D 96 23.57 35.48 -36.72
C GLU D 96 22.92 35.55 -35.35
N THR D 97 22.32 36.69 -35.05
CA THR D 97 21.60 36.85 -33.81
C THR D 97 20.32 36.03 -33.87
N ILE D 98 19.39 36.40 -34.76
CA ILE D 98 18.11 35.71 -34.85
C ILE D 98 18.20 34.22 -35.21
N THR D 99 19.13 33.85 -36.09
CA THR D 99 19.31 32.44 -36.41
C THR D 99 19.64 31.66 -35.14
N ASP D 100 20.66 32.12 -34.43
CA ASP D 100 21.08 31.48 -33.18
C ASP D 100 19.98 31.56 -32.15
N LEU D 101 19.11 32.56 -32.28
CA LEU D 101 17.99 32.69 -31.37
C LEU D 101 16.92 31.64 -31.68
N ILE D 102 16.79 31.30 -32.96
CA ILE D 102 15.85 30.25 -33.36
C ILE D 102 16.41 28.86 -33.06
N GLU D 103 17.66 28.65 -33.45
CA GLU D 103 18.26 27.31 -33.44
C GLU D 103 18.37 26.68 -32.06
N GLN D 104 18.19 27.48 -31.01
CA GLN D 104 18.31 26.96 -29.65
C GLN D 104 16.98 26.45 -29.10
N GLY D 105 15.91 26.63 -29.87
CA GLY D 105 14.62 26.04 -29.52
C GLY D 105 14.31 24.79 -30.35
N ILE D 106 15.29 24.36 -31.14
CA ILE D 106 15.15 23.20 -32.00
C ILE D 106 16.08 22.07 -31.57
N PRO D 107 15.50 20.89 -31.25
CA PRO D 107 16.26 19.70 -30.81
C PRO D 107 17.33 19.25 -31.81
N LYS D 108 18.36 18.56 -31.31
CA LYS D 108 19.39 18.01 -32.17
C LYS D 108 18.73 17.15 -33.23
N HIS D 109 19.24 17.22 -34.45
CA HIS D 109 18.67 16.45 -35.55
C HIS D 109 19.65 16.26 -36.70
N SER D 110 19.38 15.25 -37.52
CA SER D 110 20.20 14.98 -38.68
C SER D 110 19.33 15.15 -39.92
N TYR D 111 19.96 15.23 -41.09
CA TYR D 111 19.22 15.49 -42.33
C TYR D 111 19.62 14.55 -43.46
N LEU D 112 18.79 14.51 -44.51
CA LEU D 112 18.93 13.51 -45.57
C LEU D 112 20.24 13.52 -46.35
N SER D 113 20.87 14.68 -46.50
CA SER D 113 22.18 14.75 -47.15
C SER D 113 23.24 14.10 -46.28
N GLY D 114 23.28 14.48 -45.00
CA GLY D 114 24.20 13.91 -44.04
C GLY D 114 24.02 12.41 -43.83
N ASN D 115 22.84 11.90 -44.18
CA ASN D 115 22.55 10.48 -44.09
C ASN D 115 21.17 10.20 -44.67
N PRO D 116 21.10 9.25 -45.62
CA PRO D 116 19.88 8.80 -46.28
C PRO D 116 19.04 7.92 -45.37
N LEU D 117 19.68 7.39 -44.33
CA LEU D 117 19.04 6.49 -43.39
C LEU D 117 18.37 7.25 -42.25
N THR D 118 18.36 8.58 -42.38
CA THR D 118 17.64 9.45 -41.47
C THR D 118 16.17 9.05 -41.36
N SER D 119 15.64 9.04 -40.14
CA SER D 119 14.27 8.66 -39.85
C SER D 119 13.28 9.73 -40.32
N VAL D 120 12.02 9.36 -40.42
CA VAL D 120 10.98 10.27 -40.88
C VAL D 120 10.80 11.47 -39.96
N THR D 121 11.21 11.31 -38.70
CA THR D 121 11.21 12.42 -37.73
C THR D 121 12.55 13.12 -37.66
N ASN D 122 13.43 12.78 -38.59
CA ASN D 122 14.78 13.38 -38.68
C ASN D 122 15.69 12.99 -37.53
N ASP D 123 15.57 11.74 -37.11
CA ASP D 123 16.36 11.20 -36.00
C ASP D 123 16.15 12.01 -34.70
N ILE D 124 15.02 12.70 -34.62
CA ILE D 124 14.56 13.29 -33.38
C ILE D 124 13.91 12.16 -32.62
N CYS D 125 13.29 11.24 -33.37
CA CYS D 125 13.01 9.91 -32.88
C CYS D 125 13.69 8.93 -33.82
N SER D 126 14.73 8.25 -33.34
CA SER D 126 15.48 7.34 -34.17
C SER D 126 15.70 6.02 -33.44
N VAL D 127 16.38 5.09 -34.09
CA VAL D 127 16.58 3.78 -33.49
C VAL D 127 17.39 3.91 -32.19
N GLU D 128 18.18 4.97 -32.09
CA GLU D 128 18.98 5.18 -30.88
C GLU D 128 18.25 5.90 -29.73
N ASN D 129 17.49 6.93 -30.04
CA ASN D 129 16.79 7.73 -29.02
C ASN D 129 15.30 7.46 -28.75
N TYR D 130 14.72 6.46 -29.40
CA TYR D 130 13.25 6.29 -29.41
C TYR D 130 12.58 6.22 -28.05
N GLU D 131 13.31 5.77 -27.03
CA GLU D 131 12.76 5.65 -25.69
C GLU D 131 12.51 7.01 -25.03
N THR D 132 13.33 7.99 -25.40
CA THR D 132 13.23 9.36 -24.90
C THR D 132 12.46 10.27 -25.88
N SER D 133 11.93 9.68 -26.94
CA SER D 133 11.44 10.42 -28.10
C SER D 133 10.44 11.51 -27.73
N SER D 134 10.74 12.72 -28.17
CA SER D 134 9.85 13.85 -27.99
C SER D 134 9.04 14.09 -29.25
N ALA D 135 9.33 13.31 -30.28
CA ALA D 135 8.73 13.49 -31.60
C ALA D 135 7.21 13.44 -31.56
N PHE D 136 6.67 12.56 -30.72
CA PHE D 136 5.22 12.48 -30.54
C PHE D 136 4.65 13.81 -30.05
N PHE D 137 5.44 14.58 -29.31
CA PHE D 137 4.97 15.83 -28.74
C PHE D 137 4.96 16.98 -29.75
N TYR D 138 6.01 17.06 -30.56
CA TYR D 138 6.14 18.13 -31.54
C TYR D 138 5.19 17.94 -32.71
N GLN D 139 4.99 16.70 -33.12
CA GLN D 139 4.17 16.41 -34.29
C GLN D 139 2.67 16.50 -33.99
N GLN D 140 2.34 16.66 -32.71
CA GLN D 140 0.96 16.90 -32.34
C GLN D 140 0.79 18.39 -32.01
N VAL D 141 0.12 19.11 -32.90
CA VAL D 141 -0.33 20.45 -32.58
C VAL D 141 -1.85 20.50 -32.72
N HIS D 142 -2.53 20.57 -31.57
CA HIS D 142 -3.98 20.51 -31.52
C HIS D 142 -4.64 21.84 -31.91
N LYS D 143 -5.94 21.79 -32.24
CA LYS D 143 -6.72 22.98 -32.57
C LYS D 143 -6.77 23.96 -31.39
N LYS D 144 -6.37 23.49 -30.21
CA LYS D 144 -6.34 24.32 -29.00
C LYS D 144 -5.04 25.14 -28.96
N ASP D 145 -4.23 24.97 -30.00
CA ASP D 145 -2.95 25.66 -30.14
C ASP D 145 -3.13 26.94 -30.93
N ARG D 146 -2.30 27.93 -30.65
CA ARG D 146 -2.39 29.22 -31.33
C ARG D 146 -1.77 29.15 -32.73
N LEU D 147 -1.33 27.96 -33.14
CA LEU D 147 -0.82 27.73 -34.49
C LEU D 147 -1.72 26.80 -35.30
N GLN D 148 -1.85 27.08 -36.60
CA GLN D 148 -2.64 26.23 -37.50
C GLN D 148 -1.78 25.60 -38.59
N TYR D 149 -1.93 24.28 -38.75
CA TYR D 149 -1.11 23.48 -39.64
C TYR D 149 -1.85 23.13 -40.93
N LEU D 150 -1.24 23.46 -42.06
CA LEU D 150 -1.83 23.17 -43.36
C LEU D 150 -1.20 21.92 -43.94
N PRO D 151 -1.99 20.84 -44.03
CA PRO D 151 -1.52 19.61 -44.67
C PRO D 151 -1.22 19.83 -46.16
N LEU D 152 -0.05 19.40 -46.61
CA LEU D 152 0.33 19.58 -48.01
C LEU D 152 0.86 18.28 -48.59
N TYR D 153 0.15 17.75 -49.58
CA TYR D 153 0.57 16.52 -50.23
C TYR D 153 0.35 16.63 -51.73
N ALA D 154 1.40 16.36 -52.49
CA ALA D 154 1.29 16.31 -53.94
C ALA D 154 1.65 14.93 -54.43
N VAL D 155 0.93 14.46 -55.45
CA VAL D 155 1.18 13.16 -56.04
C VAL D 155 1.67 13.34 -57.47
N SER D 156 2.40 12.34 -57.97
CA SER D 156 2.77 12.28 -59.37
C SER D 156 1.85 11.28 -60.05
N THR D 157 0.90 11.78 -60.82
CA THR D 157 -0.10 10.91 -61.44
C THR D 157 -0.24 11.16 -62.94
N PHE D 158 -0.42 10.08 -63.68
CA PHE D 158 -0.51 10.15 -65.13
C PHE D 158 -1.87 10.68 -65.58
N GLU D 159 -2.90 10.42 -64.77
CA GLU D 159 -4.20 11.04 -64.95
C GLU D 159 -5.08 10.79 -63.73
ZN ZN E . 6.24 16.17 5.60
N1 APR F . -17.43 5.25 36.36
C2 APR F . -16.76 4.09 36.50
N3 APR F . -16.53 3.32 35.44
C4 APR F . -16.94 3.67 34.21
C5 APR F . -17.62 4.87 34.04
C6 APR F . -17.86 5.66 35.16
N6 APR F . -18.56 6.89 35.04
N7 APR F . -17.90 4.95 32.72
C8 APR F . -17.42 3.87 32.10
N9 APR F . -16.84 3.08 33.01
C1' APR F . -16.12 1.80 32.82
C2' APR F . -16.72 0.79 31.96
O2' APR F . -17.45 -0.11 32.76
C3' APR F . -15.61 0.11 31.41
O3' APR F . -15.32 -1.10 32.12
O4' APR F . -14.86 2.08 32.27
C4' APR F . -14.47 1.02 31.48
C5' APR F . -14.19 1.54 30.12
O5' APR F . -12.89 1.60 29.64
PA APR F . -12.65 1.26 28.12
O1A APR F . -13.90 1.58 27.33
O2A APR F . -12.35 -0.15 27.97
O3A APR F . -11.47 2.11 27.62
PB APR F . -10.13 2.24 28.46
O1B APR F . -9.87 1.02 29.29
O2B APR F . -10.20 3.48 29.32
O5D APR F . -8.92 2.48 27.46
C5D APR F . -8.49 1.49 26.56
O4D APR F . -8.15 1.27 24.24
O1D APR F . -8.60 1.76 22.06
C1D APR F . -7.84 2.10 23.16
O2D APR F . -7.16 4.33 23.15
C2D APR F . -8.16 3.42 23.61
O3D APR F . -7.20 4.25 25.61
C3D APR F . -8.16 3.35 25.05
C4D APR F . -7.76 1.99 25.34
ZN ZN G . 7.63 -15.81 -4.69
N1 APR H . -9.71 -5.19 -39.79
C2 APR H . -9.09 -3.98 -39.71
N3 APR H . -9.12 -3.28 -38.57
C4 APR H . -9.75 -3.74 -37.47
C5 APR H . -10.38 -4.99 -37.53
C6 APR H . -10.35 -5.70 -38.73
N6 APR H . -10.98 -6.97 -38.84
N7 APR H . -10.91 -5.20 -36.29
C8 APR H . -10.63 -4.13 -35.51
N9 APR H . -9.94 -3.25 -36.23
C1' APR H . -9.33 -1.97 -35.81
C2' APR H . -10.11 -1.03 -35.00
O2' APR H . -10.79 -0.15 -35.84
C3' APR H . -9.10 -0.32 -34.31
O3' APR H . -8.66 0.79 -35.06
O4' APR H . -8.24 -2.30 -35.00
C4' APR H . -7.98 -1.24 -34.16
C5' APR H . -7.94 -1.76 -32.77
O5' APR H . -6.75 -1.68 -32.04
PA APR H . -6.86 -1.38 -30.50
O1A APR H . -8.20 -1.91 -30.04
O2A APR H . -6.84 0.06 -30.30
O3A APR H . -5.67 -2.00 -29.74
PB APR H . -4.20 -2.15 -30.34
O1B APR H . -3.90 -1.01 -31.28
O2B APR H . -4.09 -3.48 -31.04
O5D APR H . -3.10 -2.12 -29.22
C5D APR H . -3.22 -1.31 -28.09
O4D APR H . -3.24 -1.16 -25.74
O1D APR H . -4.14 -1.80 -23.77
C1D APR H . -3.13 -2.04 -24.67
O2D APR H . -2.42 -4.26 -24.56
C2D APR H . -3.29 -3.35 -25.25
O3D APR H . -1.70 -3.97 -26.87
C3D APR H . -2.89 -3.22 -26.61
C4D APR H . -2.63 -1.80 -26.80
#